data_7X8Q
#
_entry.id   7X8Q
#
_cell.length_a   156.452
_cell.length_b   156.452
_cell.length_c   94.294
_cell.angle_alpha   90.000
_cell.angle_beta   90.000
_cell.angle_gamma   90.000
#
_symmetry.space_group_name_H-M   'P 41 21 2'
#
loop_
_entity.id
_entity.type
_entity.pdbx_description
1 polymer Frizzled-10
2 polymer 'Antibody F10_A9 Fab, Light chain'
3 polymer 'Antibody F10_A9 Fab, Heavy chain'
4 water water
#
loop_
_entity_poly.entity_id
_entity_poly.type
_entity_poly.pdbx_seq_one_letter_code
_entity_poly.pdbx_strand_id
1 'polypeptide(L)'
;MDMERPGDGKCQPIEIPMCKDIGYQMTRMPNLMGHENQREAAIQLHEFAPLVEYGCHGHLRFFLCSLYAPMCTEQVSTPI
PACRVMCEQARLKCSPIMEQFNFKWPDSLDCRKLPNKNDPNYLCMEAPN
;
A,D
2 'polypeptide(L)'
;DIQMTQSPSSLSASVGDRVTITCRASQSVSSAVAWYQQKPGKAPKLLIYSASSLYSGVPSRFSGSRSGTDFTLTISSLQP
EDFATYYCQQGWPFFTFGQGTKVEIKRTVAAPSVFIFPPSDSQLKSGTASVVCLLNNFYPREAKVQWKVDNALQSGNSQE
SVTEQDSKDSTYSLSSTLTLSKADYEKHKVYACEVTHQGLSSPVTKSFNRGEC
;
B,E
3 'polypeptide(L)'
;EVQLVESGGGLVQPGGSLRLSCAASGFPIRGSSIHWVRQAPGKGLEWVAATYGWPGSITYADSVKGRFTISADTSKNTAY
LQMNSLRAEDTAVYYCARRHTYPLWALDYWGQGTLVTVSSASTKGPSVFPLAPSSKSTSGGTAALGCLVKDYFPEPVTVS
WNSGALTSGVHTFPAVLQSSGLYSLSSVVTVPSSSLGTQTYICNVNHKPSNTKVDKKVEPKSCHHHHHHHH
;
C,F
#
# COMPACT_ATOMS: atom_id res chain seq x y z
N LYS A 10 -37.19 26.10 -45.19
CA LYS A 10 -37.26 26.59 -43.82
C LYS A 10 -36.12 26.03 -42.98
N CYS A 11 -35.89 26.65 -41.81
CA CYS A 11 -34.86 26.30 -40.83
C CYS A 11 -35.47 25.83 -39.51
N GLN A 12 -34.60 25.29 -38.66
CA GLN A 12 -35.01 24.79 -37.35
C GLN A 12 -33.98 25.27 -36.36
N PRO A 13 -34.39 25.56 -35.13
CA PRO A 13 -33.39 25.92 -34.11
C PRO A 13 -32.47 24.74 -33.84
N ILE A 14 -31.23 25.08 -33.44
CA ILE A 14 -30.25 24.05 -33.13
C ILE A 14 -30.71 23.35 -31.86
N GLU A 15 -30.81 22.02 -31.93
CA GLU A 15 -31.22 21.21 -30.80
C GLU A 15 -30.13 20.23 -30.36
N ILE A 16 -29.11 20.00 -31.18
CA ILE A 16 -27.97 19.16 -30.80
C ILE A 16 -27.22 19.80 -29.64
N PRO A 17 -27.13 19.13 -28.48
CA PRO A 17 -26.49 19.77 -27.32
C PRO A 17 -25.07 20.24 -27.60
N MET A 18 -24.28 19.48 -28.36
CA MET A 18 -22.89 19.86 -28.57
C MET A 18 -22.73 21.03 -29.54
N CYS A 19 -23.81 21.51 -30.16
CA CYS A 19 -23.71 22.61 -31.11
C CYS A 19 -24.45 23.84 -30.62
N LYS A 20 -24.73 23.90 -29.32
CA LYS A 20 -25.31 25.08 -28.72
C LYS A 20 -24.19 26.10 -28.50
N ASP A 21 -24.56 27.38 -28.55
CA ASP A 21 -23.59 28.48 -28.38
C ASP A 21 -22.42 28.31 -29.35
N ILE A 22 -22.73 28.01 -30.61
CA ILE A 22 -21.71 27.71 -31.61
C ILE A 22 -21.46 28.86 -32.57
N GLY A 23 -22.28 29.92 -32.53
CA GLY A 23 -22.06 31.04 -33.41
C GLY A 23 -23.26 31.40 -34.27
N TYR A 24 -24.07 30.40 -34.62
CA TYR A 24 -25.26 30.63 -35.42
C TYR A 24 -26.46 29.96 -34.76
N GLN A 25 -27.66 30.39 -35.16
CA GLN A 25 -28.88 30.04 -34.46
C GLN A 25 -29.73 28.96 -35.12
N MET A 26 -29.57 28.67 -36.40
CA MET A 26 -30.51 27.75 -37.03
C MET A 26 -29.78 26.79 -37.95
N THR A 27 -30.46 25.69 -38.27
CA THR A 27 -29.93 24.64 -39.13
C THR A 27 -31.08 24.08 -39.97
N ARG A 28 -30.73 23.26 -40.97
CA ARG A 28 -31.70 22.61 -41.84
C ARG A 28 -31.30 21.16 -42.05
N MET A 29 -32.28 20.28 -42.00
CA MET A 29 -32.07 18.88 -42.29
C MET A 29 -32.55 18.56 -43.71
N PRO A 30 -31.96 17.58 -44.42
CA PRO A 30 -30.83 16.74 -43.98
C PRO A 30 -29.54 17.53 -43.85
N ASN A 31 -28.61 17.01 -43.05
CA ASN A 31 -27.33 17.66 -42.90
C ASN A 31 -26.40 17.18 -44.02
N LEU A 32 -25.10 17.41 -43.87
CA LEU A 32 -24.11 16.96 -44.84
C LEU A 32 -23.57 15.56 -44.53
N MET A 33 -24.18 14.92 -43.54
CA MET A 33 -23.75 13.56 -43.15
C MET A 33 -24.82 12.54 -43.54
N GLY A 34 -25.96 13.01 -44.04
CA GLY A 34 -27.04 12.16 -44.49
C GLY A 34 -28.21 12.06 -43.53
N HIS A 35 -28.02 12.40 -42.26
CA HIS A 35 -29.08 12.28 -41.27
C HIS A 35 -30.21 13.23 -41.62
N GLU A 36 -31.44 12.80 -41.32
CA GLU A 36 -32.64 13.54 -41.69
C GLU A 36 -33.35 14.24 -40.53
N ASN A 37 -32.88 14.05 -39.29
CA ASN A 37 -33.34 14.90 -38.18
C ASN A 37 -32.15 15.14 -37.25
N GLN A 38 -32.31 16.12 -36.35
CA GLN A 38 -31.22 16.51 -35.46
C GLN A 38 -30.97 15.51 -34.34
N ARG A 39 -31.99 14.76 -33.92
CA ARG A 39 -31.80 13.70 -32.93
C ARG A 39 -30.80 12.67 -33.46
N GLU A 40 -31.08 12.10 -34.63
CA GLU A 40 -30.17 11.12 -35.22
C GLU A 40 -28.82 11.75 -35.55
N ALA A 41 -28.80 13.04 -35.88
CA ALA A 41 -27.54 13.73 -36.11
C ALA A 41 -26.69 13.75 -34.84
N ALA A 42 -27.30 14.10 -33.71
CA ALA A 42 -26.56 14.18 -32.44
C ALA A 42 -25.98 12.83 -32.03
N ILE A 43 -26.69 11.74 -32.33
CA ILE A 43 -26.23 10.43 -31.91
C ILE A 43 -24.97 10.03 -32.66
N GLN A 44 -24.93 10.31 -33.97
CA GLN A 44 -23.71 9.99 -34.71
C GLN A 44 -22.62 11.03 -34.49
N LEU A 45 -23.00 12.23 -34.06
CA LEU A 45 -21.97 13.19 -33.67
C LEU A 45 -21.27 12.79 -32.38
N HIS A 46 -21.92 11.99 -31.55
CA HIS A 46 -21.35 11.61 -30.27
C HIS A 46 -20.13 10.73 -30.42
N GLU A 47 -19.92 10.18 -31.61
CA GLU A 47 -18.72 9.37 -31.89
C GLU A 47 -17.45 10.21 -31.79
N PHE A 48 -17.54 11.50 -32.12
CA PHE A 48 -16.40 12.41 -32.09
C PHE A 48 -16.32 13.22 -30.80
N ALA A 49 -17.25 13.00 -29.86
CA ALA A 49 -17.21 13.71 -28.59
C ALA A 49 -15.88 13.57 -27.86
N PRO A 50 -15.20 12.40 -27.85
CA PRO A 50 -13.87 12.36 -27.24
C PRO A 50 -12.86 13.34 -27.82
N LEU A 51 -12.93 13.60 -29.13
CA LEU A 51 -11.96 14.54 -29.72
C LEU A 51 -12.31 16.00 -29.40
N VAL A 52 -13.59 16.33 -29.35
CA VAL A 52 -13.97 17.67 -28.89
C VAL A 52 -13.43 17.90 -27.50
N GLU A 53 -13.54 16.90 -26.64
CA GLU A 53 -13.12 17.03 -25.25
C GLU A 53 -11.60 17.09 -25.13
N TYR A 54 -10.88 16.32 -25.97
CA TYR A 54 -9.42 16.33 -25.91
C TYR A 54 -8.84 17.68 -26.33
N GLY A 55 -9.56 18.42 -27.16
CA GLY A 55 -9.12 19.75 -27.56
C GLY A 55 -7.86 19.79 -28.41
N CYS A 56 -7.63 18.77 -29.25
CA CYS A 56 -6.45 18.78 -30.10
C CYS A 56 -6.47 19.96 -31.06
N HIS A 57 -7.64 20.37 -31.53
CA HIS A 57 -7.80 21.63 -32.23
C HIS A 57 -8.98 22.35 -31.58
N GLY A 58 -8.86 23.67 -31.40
CA GLY A 58 -9.92 24.41 -30.74
C GLY A 58 -11.15 24.63 -31.58
N HIS A 59 -11.05 24.44 -32.90
CA HIS A 59 -12.16 24.66 -33.82
C HIS A 59 -12.84 23.37 -34.26
N LEU A 60 -12.48 22.23 -33.67
CA LEU A 60 -13.04 20.96 -34.13
C LEU A 60 -14.55 20.89 -33.88
N ARG A 61 -15.01 21.41 -32.75
CA ARG A 61 -16.44 21.38 -32.47
C ARG A 61 -17.22 22.24 -33.47
N PHE A 62 -16.68 23.41 -33.81
CA PHE A 62 -17.33 24.27 -34.78
C PHE A 62 -17.35 23.63 -36.17
N PHE A 63 -16.23 23.00 -36.55
CA PHE A 63 -16.15 22.35 -37.85
C PHE A 63 -17.15 21.20 -37.93
N LEU A 64 -17.17 20.35 -36.90
CA LEU A 64 -18.11 19.23 -36.87
C LEU A 64 -19.54 19.72 -36.88
N CYS A 65 -19.85 20.77 -36.11
CA CYS A 65 -21.19 21.30 -36.12
C CYS A 65 -21.54 21.92 -37.47
N SER A 66 -20.54 22.41 -38.21
CA SER A 66 -20.79 22.94 -39.54
C SER A 66 -21.39 21.87 -40.46
N LEU A 67 -21.05 20.60 -40.25
CA LEU A 67 -21.57 19.50 -41.07
C LEU A 67 -22.78 18.82 -40.44
N TYR A 68 -22.74 18.54 -39.13
CA TYR A 68 -23.86 17.86 -38.49
C TYR A 68 -25.04 18.77 -38.28
N ALA A 69 -24.79 20.08 -38.15
CA ALA A 69 -25.85 21.07 -38.00
C ALA A 69 -25.48 22.31 -38.82
N PRO A 70 -25.52 22.21 -40.15
CA PRO A 70 -25.09 23.34 -40.99
C PRO A 70 -25.97 24.56 -40.76
N MET A 71 -25.37 25.75 -40.93
CA MET A 71 -26.09 26.99 -40.69
C MET A 71 -27.23 27.19 -41.69
N CYS A 72 -28.36 27.72 -41.21
CA CYS A 72 -29.51 28.03 -42.04
C CYS A 72 -30.03 29.42 -41.69
N THR A 73 -30.34 30.21 -42.71
CA THR A 73 -30.81 31.58 -42.56
C THR A 73 -32.02 31.88 -43.43
N GLU A 74 -32.35 30.93 -44.30
CA GLU A 74 -33.40 30.88 -45.32
C GLU A 74 -33.01 31.59 -46.61
N GLN A 75 -32.33 32.71 -46.50
CA GLN A 75 -31.91 33.41 -47.71
C GLN A 75 -30.98 32.49 -48.50
N VAL A 76 -29.90 32.06 -47.86
CA VAL A 76 -28.94 31.19 -48.51
C VAL A 76 -29.59 29.80 -48.67
N SER A 77 -29.56 29.36 -49.93
CA SER A 77 -30.21 28.14 -50.47
C SER A 77 -29.35 26.89 -50.36
N THR A 78 -28.24 26.97 -49.67
CA THR A 78 -27.41 25.80 -49.54
C THR A 78 -26.94 25.71 -48.10
N PRO A 79 -26.83 24.50 -47.56
CA PRO A 79 -26.18 24.37 -46.25
C PRO A 79 -24.75 24.86 -46.39
N ILE A 80 -24.25 25.54 -45.36
CA ILE A 80 -22.96 26.20 -45.41
C ILE A 80 -22.04 25.53 -44.41
N PRO A 81 -20.92 24.96 -44.86
CA PRO A 81 -19.99 24.30 -43.95
C PRO A 81 -18.84 25.21 -43.56
N ALA A 82 -17.91 24.69 -42.78
CA ALA A 82 -16.68 25.42 -42.48
C ALA A 82 -15.73 25.34 -43.66
N CYS A 83 -14.76 26.25 -43.68
CA CYS A 83 -13.83 26.31 -44.81
C CYS A 83 -12.88 25.10 -44.82
N ARG A 84 -12.42 24.74 -46.02
CA ARG A 84 -11.30 23.81 -46.14
C ARG A 84 -10.21 24.17 -45.16
N VAL A 85 -9.91 25.47 -45.05
CA VAL A 85 -8.86 25.96 -44.16
C VAL A 85 -9.02 25.44 -42.73
N MET A 86 -10.26 25.28 -42.27
CA MET A 86 -10.50 24.82 -40.90
C MET A 86 -10.30 23.31 -40.72
N CYS A 87 -10.79 22.50 -41.65
CA CYS A 87 -10.76 21.03 -41.52
C CYS A 87 -9.34 20.44 -41.52
N GLU A 88 -8.50 20.94 -42.43
CA GLU A 88 -7.12 20.41 -42.56
C GLU A 88 -6.40 20.54 -41.21
N GLN A 89 -6.50 21.70 -40.57
CA GLN A 89 -5.84 21.93 -39.29
C GLN A 89 -6.41 21.00 -38.23
N ALA A 90 -7.73 20.75 -38.29
CA ALA A 90 -8.36 19.84 -37.34
C ALA A 90 -7.87 18.40 -37.55
N ARG A 91 -7.71 17.96 -38.80
CA ARG A 91 -7.24 16.58 -39.01
C ARG A 91 -5.74 16.47 -38.81
N LEU A 92 -5.01 17.55 -39.08
CA LEU A 92 -3.58 17.53 -38.80
C LEU A 92 -3.32 17.45 -37.31
N LYS A 93 -3.87 18.40 -36.55
CA LYS A 93 -3.54 18.51 -35.14
C LYS A 93 -4.19 17.40 -34.31
N CYS A 94 -5.28 16.80 -34.81
CA CYS A 94 -5.90 15.71 -34.09
C CYS A 94 -5.48 14.33 -34.58
N SER A 95 -4.72 14.24 -35.67
CA SER A 95 -4.25 12.94 -36.14
C SER A 95 -3.34 12.21 -35.14
N PRO A 96 -2.40 12.85 -34.45
CA PRO A 96 -1.52 12.08 -33.55
C PRO A 96 -2.26 11.25 -32.51
N ILE A 97 -3.24 11.86 -31.83
CA ILE A 97 -3.99 11.11 -30.82
C ILE A 97 -4.89 10.06 -31.46
N MET A 98 -5.44 10.33 -32.65
CA MET A 98 -6.26 9.32 -33.32
C MET A 98 -5.40 8.18 -33.84
N GLU A 99 -4.17 8.49 -34.29
CA GLU A 99 -3.21 7.45 -34.64
C GLU A 99 -3.05 6.46 -33.50
N GLN A 100 -2.96 6.95 -32.25
CA GLN A 100 -2.80 6.06 -31.10
C GLN A 100 -3.94 5.03 -31.05
N PHE A 101 -5.16 5.55 -31.09
CA PHE A 101 -6.37 4.69 -31.04
C PHE A 101 -6.63 4.12 -32.44
N ASN A 102 -6.06 4.80 -33.45
CA ASN A 102 -5.98 4.41 -34.88
C ASN A 102 -7.27 4.68 -35.66
N PHE A 103 -8.38 4.98 -34.98
CA PHE A 103 -9.60 5.18 -35.78
C PHE A 103 -9.34 6.50 -36.48
N LYS A 104 -9.27 6.43 -37.81
CA LYS A 104 -8.88 7.62 -38.58
C LYS A 104 -10.12 8.33 -39.07
N TRP A 105 -9.98 9.64 -39.16
CA TRP A 105 -10.92 10.54 -39.81
C TRP A 105 -11.66 9.81 -40.92
N PRO A 106 -12.96 9.54 -40.75
CA PRO A 106 -13.70 8.85 -41.79
C PRO A 106 -13.72 9.67 -43.07
N ASP A 107 -13.76 9.00 -44.22
CA ASP A 107 -13.93 9.75 -45.46
C ASP A 107 -15.24 10.54 -45.45
N SER A 108 -16.20 10.17 -44.60
CA SER A 108 -17.31 11.08 -44.38
C SER A 108 -16.82 12.51 -44.13
N LEU A 109 -15.71 12.65 -43.40
CA LEU A 109 -15.16 13.95 -43.04
C LEU A 109 -13.92 14.35 -43.85
N ASP A 110 -13.57 13.64 -44.93
CA ASP A 110 -12.34 13.96 -45.66
C ASP A 110 -12.36 15.43 -46.09
N CYS A 111 -11.30 16.15 -45.72
CA CYS A 111 -11.32 17.61 -45.81
C CYS A 111 -11.44 18.15 -47.23
N ARG A 112 -11.11 17.35 -48.25
CA ARG A 112 -11.06 17.93 -49.59
C ARG A 112 -12.44 18.11 -50.22
N LYS A 113 -13.50 17.73 -49.50
CA LYS A 113 -14.89 17.94 -49.98
C LYS A 113 -15.35 19.36 -49.62
N LEU A 114 -14.80 19.95 -48.56
CA LEU A 114 -15.25 21.25 -48.12
C LEU A 114 -14.65 22.33 -49.01
N PRO A 115 -15.41 23.37 -49.34
CA PRO A 115 -14.90 24.39 -50.27
C PRO A 115 -13.80 25.21 -49.65
N ASN A 116 -12.84 25.58 -50.48
CA ASN A 116 -11.80 26.47 -50.01
C ASN A 116 -12.46 27.81 -49.68
N LYS A 117 -11.78 28.61 -48.87
CA LYS A 117 -12.30 29.93 -48.61
C LYS A 117 -12.14 30.74 -49.89
N ASN A 118 -13.23 31.41 -50.31
CA ASN A 118 -13.18 32.22 -51.54
C ASN A 118 -12.92 31.33 -52.76
N ASP A 119 -13.66 30.21 -52.83
CA ASP A 119 -13.79 29.16 -53.84
C ASP A 119 -14.89 29.52 -54.84
N PRO A 120 -14.67 29.20 -56.12
CA PRO A 120 -15.59 29.67 -57.17
C PRO A 120 -17.04 29.23 -57.03
N ASN A 121 -17.32 28.05 -56.44
CA ASN A 121 -18.70 27.56 -56.45
C ASN A 121 -19.38 27.39 -55.09
N TYR A 122 -18.64 27.34 -53.98
CA TYR A 122 -19.27 27.12 -52.67
C TYR A 122 -18.77 28.13 -51.63
N LEU A 123 -19.67 28.50 -50.70
CA LEU A 123 -19.34 29.39 -49.60
C LEU A 123 -19.01 28.58 -48.33
N CYS A 124 -18.20 29.18 -47.45
CA CYS A 124 -17.74 28.54 -46.23
C CYS A 124 -17.86 29.52 -45.06
N MET A 125 -17.61 29.00 -43.85
CA MET A 125 -17.54 29.78 -42.63
C MET A 125 -16.19 29.62 -41.93
N GLU A 126 -15.82 30.66 -41.17
CA GLU A 126 -14.76 30.64 -40.18
C GLU A 126 -15.38 30.80 -38.80
N ALA A 127 -14.56 30.57 -37.75
CA ALA A 127 -15.07 30.51 -36.38
C ALA A 127 -14.83 31.81 -35.63
N PRO A 128 -15.76 32.20 -34.74
CA PRO A 128 -15.66 33.42 -33.91
C PRO A 128 -14.40 33.45 -33.03
N GLN B 6 -2.53 6.36 -4.02
CA GLN B 6 -2.33 5.76 -2.70
C GLN B 6 -3.25 6.37 -1.65
N SER B 7 -2.74 6.43 -0.43
CA SER B 7 -3.46 7.09 0.65
C SER B 7 -3.42 8.61 0.44
N PRO B 8 -4.42 9.34 0.92
CA PRO B 8 -4.44 10.78 0.64
C PRO B 8 -3.40 11.54 1.44
N SER B 9 -2.80 12.51 0.78
CA SER B 9 -1.88 13.44 1.41
C SER B 9 -2.65 14.36 2.36
N SER B 10 -1.95 14.80 3.41
CA SER B 10 -2.55 15.67 4.43
C SER B 10 -2.00 17.09 4.36
N LEU B 11 -2.88 18.06 4.63
CA LEU B 11 -2.52 19.48 4.66
C LEU B 11 -3.30 20.11 5.81
N SER B 12 -2.60 20.78 6.73
CA SER B 12 -3.20 21.46 7.87
C SER B 12 -3.35 22.95 7.58
N ALA B 13 -4.55 23.49 7.77
CA ALA B 13 -4.80 24.90 7.48
C ALA B 13 -5.85 25.48 8.39
N SER B 14 -5.84 26.80 8.50
CA SER B 14 -6.83 27.53 9.28
C SER B 14 -7.88 28.16 8.36
N VAL B 15 -9.05 28.46 8.95
CA VAL B 15 -10.08 29.24 8.28
C VAL B 15 -9.49 30.55 7.78
N GLY B 16 -9.79 30.89 6.53
CA GLY B 16 -9.29 32.10 5.93
C GLY B 16 -7.96 31.95 5.23
N ASP B 17 -7.31 30.80 5.33
CA ASP B 17 -6.07 30.54 4.61
C ASP B 17 -6.35 30.36 3.13
N ARG B 18 -5.35 30.67 2.32
CA ARG B 18 -5.42 30.44 0.88
C ARG B 18 -4.67 29.15 0.56
N VAL B 19 -5.36 28.23 -0.13
CA VAL B 19 -4.82 26.92 -0.44
C VAL B 19 -4.84 26.73 -1.96
N THR B 20 -3.74 26.24 -2.51
CA THR B 20 -3.67 25.86 -3.92
C THR B 20 -3.19 24.42 -4.00
N ILE B 21 -4.07 23.52 -4.46
CA ILE B 21 -3.73 22.10 -4.60
C ILE B 21 -3.29 21.86 -6.04
N THR B 22 -2.22 21.10 -6.20
CA THR B 22 -1.62 20.83 -7.50
C THR B 22 -1.87 19.40 -7.93
N CYS B 23 -2.21 19.23 -9.20
CA CYS B 23 -2.47 17.93 -9.79
C CYS B 23 -1.51 17.77 -10.96
N ARG B 24 -0.38 17.09 -10.73
CA ARG B 24 0.66 16.97 -11.74
C ARG B 24 0.29 15.91 -12.77
N ALA B 25 0.40 16.27 -14.04
CA ALA B 25 0.09 15.34 -15.12
C ALA B 25 1.20 15.37 -16.16
N SER B 26 0.81 15.32 -17.43
CA SER B 26 1.72 15.55 -18.54
C SER B 26 1.04 16.54 -19.47
N GLN B 27 1.82 17.18 -20.34
CA GLN B 27 1.22 18.14 -21.25
C GLN B 27 0.50 17.48 -22.41
N SER B 28 0.64 16.17 -22.56
CA SER B 28 -0.16 15.38 -23.49
C SER B 28 -1.58 15.07 -22.99
N VAL B 29 -2.04 15.69 -21.89
CA VAL B 29 -3.39 15.48 -21.38
C VAL B 29 -4.22 16.71 -21.69
N SER B 30 -5.49 16.49 -21.98
CA SER B 30 -6.39 17.60 -22.27
C SER B 30 -6.73 18.38 -21.01
N SER B 31 -7.37 19.53 -21.20
CA SER B 31 -7.84 20.36 -20.10
C SER B 31 -9.24 19.99 -19.63
N ALA B 32 -9.76 18.84 -20.01
CA ALA B 32 -11.06 18.41 -19.50
C ALA B 32 -10.90 17.80 -18.10
N VAL B 33 -10.18 18.50 -17.23
CA VAL B 33 -9.90 18.01 -15.89
C VAL B 33 -10.98 18.48 -14.94
N ALA B 34 -11.48 17.55 -14.12
CA ALA B 34 -12.47 17.87 -13.10
C ALA B 34 -11.85 17.76 -11.72
N TRP B 35 -12.39 18.55 -10.78
CA TRP B 35 -12.00 18.47 -9.38
C TRP B 35 -13.20 18.05 -8.55
N TYR B 36 -12.98 17.15 -7.60
CA TYR B 36 -14.04 16.64 -6.75
C TYR B 36 -13.69 16.84 -5.28
N GLN B 37 -14.74 17.01 -4.48
CA GLN B 37 -14.64 17.13 -3.03
C GLN B 37 -15.38 15.96 -2.39
N GLN B 38 -14.72 15.27 -1.48
CA GLN B 38 -15.33 14.13 -0.80
C GLN B 38 -15.15 14.27 0.71
N LYS B 39 -16.22 14.05 1.45
CA LYS B 39 -16.24 14.03 2.90
C LYS B 39 -16.48 12.61 3.40
N PRO B 40 -16.13 12.32 4.66
CA PRO B 40 -16.16 10.93 5.14
C PRO B 40 -17.54 10.28 4.99
N GLY B 41 -17.56 9.10 4.37
CA GLY B 41 -18.78 8.34 4.23
C GLY B 41 -19.74 8.83 3.17
N LYS B 42 -19.31 9.76 2.31
CA LYS B 42 -20.14 10.33 1.26
C LYS B 42 -19.48 10.14 -0.10
N ALA B 43 -20.30 10.26 -1.12
CA ALA B 43 -19.80 10.19 -2.48
C ALA B 43 -19.15 11.53 -2.85
N PRO B 44 -18.18 11.50 -3.76
CA PRO B 44 -17.56 12.76 -4.20
C PRO B 44 -18.58 13.69 -4.84
N LYS B 45 -18.30 14.99 -4.76
CA LYS B 45 -19.13 16.02 -5.37
C LYS B 45 -18.28 16.84 -6.33
N LEU B 46 -18.85 17.14 -7.50
CA LEU B 46 -18.14 17.89 -8.52
C LEU B 46 -18.00 19.35 -8.11
N LEU B 47 -16.78 19.89 -8.24
CA LEU B 47 -16.50 21.29 -7.94
C LEU B 47 -16.17 22.10 -9.19
N ILE B 48 -15.22 21.60 -9.98
CA ILE B 48 -14.65 22.32 -11.12
C ILE B 48 -14.60 21.37 -12.29
N TYR B 49 -15.02 21.83 -13.47
CA TYR B 49 -14.90 21.05 -14.68
C TYR B 49 -14.14 21.86 -15.72
N SER B 50 -13.55 21.14 -16.69
CA SER B 50 -12.73 21.76 -17.74
C SER B 50 -11.64 22.65 -17.15
N ALA B 51 -11.02 22.17 -16.06
CA ALA B 51 -9.87 22.80 -15.40
C ALA B 51 -10.18 24.12 -14.70
N SER B 52 -11.11 24.92 -15.24
CA SER B 52 -11.33 26.28 -14.73
C SER B 52 -12.78 26.67 -14.53
N SER B 53 -13.74 25.86 -14.95
CA SER B 53 -15.14 26.28 -14.91
C SER B 53 -15.78 25.86 -13.59
N LEU B 54 -16.37 26.82 -12.90
CA LEU B 54 -17.01 26.58 -11.63
C LEU B 54 -18.34 25.87 -11.84
N TYR B 55 -18.54 24.75 -11.16
CA TYR B 55 -19.80 24.05 -11.26
C TYR B 55 -20.87 24.83 -10.50
N SER B 56 -22.13 24.53 -10.81
CA SER B 56 -23.25 25.27 -10.23
C SER B 56 -23.35 25.06 -8.73
N GLY B 57 -23.58 26.15 -8.00
CA GLY B 57 -23.72 26.09 -6.56
C GLY B 57 -22.43 25.95 -5.80
N VAL B 58 -21.29 26.01 -6.48
CA VAL B 58 -19.99 25.97 -5.83
C VAL B 58 -19.59 27.41 -5.52
N PRO B 59 -19.13 27.70 -4.30
CA PRO B 59 -18.83 29.09 -3.94
C PRO B 59 -17.67 29.64 -4.76
N SER B 60 -17.70 30.97 -4.94
CA SER B 60 -16.74 31.65 -5.82
C SER B 60 -15.31 31.58 -5.31
N ARG B 61 -15.11 31.25 -4.03
CA ARG B 61 -13.75 31.10 -3.53
C ARG B 61 -13.02 29.91 -4.12
N PHE B 62 -13.73 29.02 -4.82
CA PHE B 62 -13.10 27.92 -5.52
C PHE B 62 -12.72 28.37 -6.92
N SER B 63 -11.59 27.87 -7.40
CA SER B 63 -11.03 28.36 -8.64
C SER B 63 -10.12 27.28 -9.22
N GLY B 64 -10.09 27.20 -10.55
CA GLY B 64 -9.25 26.24 -11.22
C GLY B 64 -8.46 26.88 -12.35
N SER B 65 -7.27 26.32 -12.58
CA SER B 65 -6.40 26.81 -13.63
C SER B 65 -5.44 25.70 -14.03
N ARG B 66 -5.04 25.73 -15.29
CA ARG B 66 -4.00 24.87 -15.82
C ARG B 66 -2.79 25.70 -16.19
N SER B 67 -1.60 25.16 -15.92
CA SER B 67 -0.35 25.80 -16.31
C SER B 67 0.60 24.69 -16.73
N GLY B 68 0.76 24.50 -18.04
CA GLY B 68 1.60 23.44 -18.54
C GLY B 68 1.05 22.09 -18.14
N THR B 69 1.87 21.29 -17.47
CA THR B 69 1.49 19.96 -17.05
C THR B 69 0.71 19.95 -15.76
N ASP B 70 0.51 21.12 -15.15
CA ASP B 70 -0.05 21.23 -13.82
C ASP B 70 -1.46 21.80 -13.87
N PHE B 71 -2.38 21.14 -13.19
CA PHE B 71 -3.70 21.67 -12.92
C PHE B 71 -3.75 22.02 -11.44
N THR B 72 -4.39 23.15 -11.13
CA THR B 72 -4.44 23.63 -9.77
C THR B 72 -5.86 23.97 -9.35
N LEU B 73 -6.14 23.71 -8.08
CA LEU B 73 -7.35 24.13 -7.41
C LEU B 73 -6.94 25.13 -6.33
N THR B 74 -7.60 26.28 -6.29
CA THR B 74 -7.29 27.31 -5.31
C THR B 74 -8.56 27.63 -4.53
N ILE B 75 -8.44 27.63 -3.20
CA ILE B 75 -9.49 28.09 -2.32
C ILE B 75 -9.00 29.40 -1.72
N SER B 76 -9.67 30.51 -2.08
CA SER B 76 -9.14 31.84 -1.78
C SER B 76 -9.19 32.15 -0.28
N SER B 77 -10.24 31.67 0.39
CA SER B 77 -10.44 31.91 1.83
C SER B 77 -11.09 30.65 2.39
N LEU B 78 -10.29 29.80 3.03
CA LEU B 78 -10.74 28.48 3.43
C LEU B 78 -11.84 28.60 4.48
N GLN B 79 -12.96 27.94 4.23
CA GLN B 79 -14.09 28.02 5.14
C GLN B 79 -14.30 26.66 5.81
N PRO B 80 -14.99 26.63 6.96
CA PRO B 80 -15.10 25.35 7.69
C PRO B 80 -15.72 24.20 6.91
N GLU B 81 -16.66 24.49 5.99
CA GLU B 81 -17.22 23.44 5.15
C GLU B 81 -16.22 22.93 4.11
N ASP B 82 -15.09 23.60 3.94
CA ASP B 82 -14.12 23.24 2.91
C ASP B 82 -13.14 22.18 3.36
N PHE B 83 -13.07 21.88 4.65
CA PHE B 83 -12.12 20.87 5.10
C PHE B 83 -12.67 19.50 4.72
N ALA B 84 -11.99 18.85 3.78
CA ALA B 84 -12.41 17.60 3.16
C ALA B 84 -11.22 17.10 2.34
N THR B 85 -11.46 16.08 1.51
CA THR B 85 -10.44 15.56 0.60
C THR B 85 -10.76 15.95 -0.84
N TYR B 86 -9.73 16.32 -1.59
CA TYR B 86 -9.88 16.86 -2.95
C TYR B 86 -9.16 15.96 -3.93
N TYR B 87 -9.81 15.67 -5.06
CA TYR B 87 -9.25 14.82 -6.11
C TYR B 87 -9.40 15.51 -7.46
N CYS B 88 -8.36 15.42 -8.29
CA CYS B 88 -8.44 15.78 -9.70
C CYS B 88 -8.65 14.53 -10.54
N GLN B 89 -9.34 14.68 -11.67
CA GLN B 89 -9.55 13.57 -12.59
C GLN B 89 -9.19 13.99 -14.00
N GLN B 90 -8.52 13.09 -14.72
CA GLN B 90 -8.12 13.38 -16.10
C GLN B 90 -9.32 13.19 -17.03
N GLY B 91 -9.22 13.72 -18.23
CA GLY B 91 -10.28 13.49 -19.20
C GLY B 91 -9.95 12.30 -20.08
N TRP B 92 -10.64 12.19 -21.19
CA TRP B 92 -10.41 11.10 -22.16
C TRP B 92 -8.98 11.21 -22.68
N PRO B 93 -8.22 10.13 -22.86
CA PRO B 93 -8.69 8.79 -22.57
C PRO B 93 -8.15 8.14 -21.29
N PHE B 94 -7.56 8.92 -20.39
CA PHE B 94 -7.00 8.33 -19.15
C PHE B 94 -8.07 8.16 -18.07
N PHE B 95 -8.78 9.24 -17.72
CA PHE B 95 -9.88 9.30 -16.73
C PHE B 95 -9.32 8.95 -15.36
N THR B 96 -8.02 9.15 -15.18
CA THR B 96 -7.37 8.75 -13.93
C THR B 96 -7.49 9.84 -12.88
N PHE B 97 -7.71 9.41 -11.63
CA PHE B 97 -7.72 10.29 -10.49
C PHE B 97 -6.31 10.42 -9.93
N GLY B 98 -5.97 11.63 -9.46
CA GLY B 98 -4.72 11.84 -8.78
C GLY B 98 -4.82 11.44 -7.32
N GLN B 99 -3.71 11.64 -6.60
CA GLN B 99 -3.73 11.41 -5.16
C GLN B 99 -4.58 12.48 -4.48
N GLY B 100 -5.46 12.05 -3.59
CA GLY B 100 -6.29 13.00 -2.87
C GLY B 100 -5.49 13.81 -1.87
N THR B 101 -5.95 15.03 -1.63
CA THR B 101 -5.41 15.94 -0.62
C THR B 101 -6.48 16.18 0.42
N LYS B 102 -6.27 15.69 1.63
CA LYS B 102 -7.21 15.89 2.74
C LYS B 102 -6.78 17.13 3.52
N VAL B 103 -7.62 18.16 3.51
CA VAL B 103 -7.36 19.41 4.21
C VAL B 103 -7.98 19.32 5.60
N GLU B 104 -7.15 19.36 6.64
CA GLU B 104 -7.63 19.33 8.02
C GLU B 104 -7.35 20.66 8.70
N ILE B 105 -8.13 20.94 9.74
CA ILE B 105 -8.17 22.26 10.35
C ILE B 105 -7.16 22.36 11.48
N LYS B 106 -6.41 23.47 11.49
CA LYS B 106 -5.44 23.74 12.55
C LYS B 106 -6.15 24.23 13.80
N ARG B 107 -5.70 23.73 14.95
CA ARG B 107 -6.34 23.99 16.23
C ARG B 107 -5.24 24.16 17.28
N THR B 108 -5.60 24.69 18.46
CA THR B 108 -4.63 24.74 19.54
C THR B 108 -4.35 23.34 20.05
N VAL B 109 -3.17 23.15 20.63
CA VAL B 109 -2.81 21.84 21.15
C VAL B 109 -3.73 21.46 22.30
N ALA B 110 -4.17 20.21 22.31
CA ALA B 110 -5.04 19.69 23.37
C ALA B 110 -4.55 18.30 23.74
N ALA B 111 -4.29 18.09 25.03
CA ALA B 111 -3.86 16.80 25.52
C ALA B 111 -5.05 15.85 25.58
N PRO B 112 -4.81 14.55 25.39
CA PRO B 112 -5.91 13.58 25.49
C PRO B 112 -6.24 13.22 26.93
N SER B 113 -7.51 12.92 27.16
CA SER B 113 -7.92 12.20 28.35
C SER B 113 -7.75 10.72 28.07
N VAL B 114 -7.10 10.01 29.00
CA VAL B 114 -6.71 8.62 28.78
C VAL B 114 -7.48 7.73 29.74
N PHE B 115 -8.04 6.65 29.21
CA PHE B 115 -8.80 5.71 30.00
C PHE B 115 -8.43 4.29 29.59
N ILE B 116 -8.48 3.38 30.56
CA ILE B 116 -8.17 1.98 30.30
C ILE B 116 -9.37 1.14 30.74
N PHE B 117 -9.59 0.06 30.00
CA PHE B 117 -10.75 -0.81 30.19
C PHE B 117 -10.30 -2.26 30.29
N PRO B 118 -10.44 -2.90 31.45
CA PRO B 118 -10.07 -4.31 31.58
C PRO B 118 -11.01 -5.20 30.79
N PRO B 119 -10.64 -6.45 30.55
CA PRO B 119 -11.55 -7.35 29.83
C PRO B 119 -12.81 -7.58 30.66
N SER B 120 -13.94 -7.66 29.98
CA SER B 120 -15.17 -8.06 30.65
C SER B 120 -15.06 -9.53 31.06
N ASP B 121 -15.82 -9.89 32.10
CA ASP B 121 -15.89 -11.30 32.46
C ASP B 121 -16.58 -12.10 31.36
N SER B 122 -17.50 -11.47 30.61
CA SER B 122 -18.14 -12.12 29.48
C SER B 122 -17.11 -12.63 28.49
N GLN B 123 -16.10 -11.80 28.18
CA GLN B 123 -15.14 -12.19 27.16
C GLN B 123 -14.15 -13.23 27.70
N LEU B 124 -13.82 -13.17 28.99
CA LEU B 124 -12.84 -14.12 29.52
C LEU B 124 -13.40 -15.53 29.52
N LYS B 125 -14.71 -15.69 29.75
CA LYS B 125 -15.32 -17.01 29.61
C LYS B 125 -15.25 -17.50 28.16
N SER B 126 -15.16 -16.57 27.20
CA SER B 126 -15.01 -16.95 25.80
C SER B 126 -13.60 -17.43 25.47
N GLY B 127 -12.60 -17.11 26.30
CA GLY B 127 -11.25 -17.62 26.10
C GLY B 127 -10.21 -16.59 25.70
N THR B 128 -10.60 -15.34 25.44
CA THR B 128 -9.66 -14.29 25.09
C THR B 128 -9.82 -13.11 26.04
N ALA B 129 -8.80 -12.26 26.05
CA ALA B 129 -8.80 -11.05 26.87
C ALA B 129 -8.41 -9.86 26.00
N SER B 130 -9.25 -8.83 26.01
CA SER B 130 -8.99 -7.60 25.29
C SER B 130 -8.98 -6.43 26.27
N VAL B 131 -7.91 -5.65 26.24
CA VAL B 131 -7.77 -4.43 27.04
C VAL B 131 -7.82 -3.24 26.09
N VAL B 132 -8.60 -2.22 26.45
CA VAL B 132 -8.85 -1.09 25.57
C VAL B 132 -8.34 0.18 26.22
N CYS B 133 -7.54 0.94 25.48
CA CYS B 133 -7.02 2.24 25.90
C CYS B 133 -7.69 3.29 25.03
N LEU B 134 -8.38 4.23 25.66
CA LEU B 134 -9.10 5.29 24.96
C LEU B 134 -8.38 6.61 25.15
N LEU B 135 -8.09 7.30 24.04
CA LEU B 135 -7.57 8.66 24.05
C LEU B 135 -8.64 9.57 23.47
N ASN B 136 -9.16 10.49 24.28
CA ASN B 136 -10.33 11.29 23.91
C ASN B 136 -9.95 12.75 23.65
N ASN B 137 -10.39 13.28 22.51
CA ASN B 137 -10.40 14.70 22.16
C ASN B 137 -9.05 15.36 22.36
N PHE B 138 -8.12 15.00 21.49
CA PHE B 138 -6.77 15.53 21.50
C PHE B 138 -6.42 16.17 20.17
N TYR B 139 -5.39 17.02 20.19
CA TYR B 139 -4.84 17.62 18.99
C TYR B 139 -3.40 17.98 19.30
N PRO B 140 -2.45 17.71 18.38
CA PRO B 140 -2.71 17.16 17.04
C PRO B 140 -2.91 15.65 16.97
N ARG B 141 -3.10 15.16 15.75
CA ARG B 141 -3.44 13.75 15.53
C ARG B 141 -2.35 12.81 16.04
N GLU B 142 -1.09 13.21 15.90
CA GLU B 142 0.04 12.32 16.16
C GLU B 142 0.09 11.99 17.65
N ALA B 143 -0.17 10.73 17.97
CA ALA B 143 -0.12 10.22 19.33
C ALA B 143 0.49 8.83 19.29
N LYS B 144 1.16 8.45 20.36
CA LYS B 144 1.77 7.13 20.48
C LYS B 144 1.10 6.43 21.65
N VAL B 145 0.52 5.25 21.40
CA VAL B 145 -0.10 4.46 22.46
C VAL B 145 0.71 3.17 22.56
N GLN B 146 1.32 2.95 23.73
CA GLN B 146 2.24 1.85 23.93
C GLN B 146 1.75 0.96 25.06
N TRP B 147 1.57 -0.33 24.77
CA TRP B 147 1.14 -1.30 25.77
C TRP B 147 2.32 -1.89 26.51
N LYS B 148 2.21 -1.96 27.84
CA LYS B 148 3.17 -2.65 28.69
C LYS B 148 2.41 -3.69 29.52
N VAL B 149 2.89 -4.93 29.45
CA VAL B 149 2.39 -6.04 30.25
C VAL B 149 3.51 -6.45 31.20
N ASP B 150 3.35 -6.15 32.48
CA ASP B 150 4.41 -6.36 33.48
C ASP B 150 5.73 -5.71 33.03
N ASN B 151 5.61 -4.46 32.56
CA ASN B 151 6.75 -3.65 32.14
C ASN B 151 7.48 -4.23 30.93
N ALA B 152 6.83 -5.08 30.13
CA ALA B 152 7.37 -5.55 28.86
C ALA B 152 6.62 -4.85 27.73
N LEU B 153 7.34 -4.04 26.95
CA LEU B 153 6.74 -3.32 25.83
C LEU B 153 6.23 -4.30 24.79
N GLN B 154 5.01 -4.08 24.31
CA GLN B 154 4.34 -5.03 23.43
C GLN B 154 4.35 -4.53 21.99
N SER B 155 4.30 -5.47 21.06
CA SER B 155 4.11 -5.17 19.65
C SER B 155 3.59 -6.40 18.95
N GLY B 156 2.70 -6.19 17.97
CA GLY B 156 2.13 -7.25 17.20
C GLY B 156 0.90 -7.90 17.80
N ASN B 157 0.40 -7.42 18.94
CA ASN B 157 -0.81 -7.97 19.54
C ASN B 157 -1.87 -6.91 19.83
N SER B 158 -1.83 -5.77 19.13
CA SER B 158 -2.75 -4.68 19.41
C SER B 158 -3.07 -3.96 18.10
N GLN B 159 -4.21 -3.26 18.08
CA GLN B 159 -4.63 -2.52 16.90
C GLN B 159 -5.22 -1.18 17.34
N GLU B 160 -5.01 -0.17 16.48
CA GLU B 160 -5.40 1.21 16.74
C GLU B 160 -6.42 1.70 15.73
N SER B 161 -7.20 2.69 16.15
CA SER B 161 -8.18 3.33 15.30
C SER B 161 -8.32 4.79 15.74
N VAL B 162 -8.45 5.69 14.77
CA VAL B 162 -8.59 7.12 15.03
C VAL B 162 -9.87 7.59 14.35
N THR B 163 -10.66 8.39 15.06
CA THR B 163 -11.83 9.01 14.48
C THR B 163 -11.42 10.14 13.53
N GLU B 164 -12.36 10.55 12.68
CA GLU B 164 -12.16 11.77 11.92
C GLU B 164 -12.17 12.97 12.85
N GLN B 165 -11.61 14.08 12.36
CA GLN B 165 -11.61 15.32 13.12
C GLN B 165 -13.03 15.71 13.48
N ASP B 166 -13.28 15.93 14.77
CA ASP B 166 -14.62 16.28 15.22
C ASP B 166 -15.02 17.64 14.66
N SER B 167 -16.28 17.72 14.18
CA SER B 167 -16.79 18.91 13.52
C SER B 167 -16.95 20.11 14.45
N LYS B 168 -17.02 19.87 15.75
CA LYS B 168 -17.25 20.95 16.75
C LYS B 168 -15.97 21.43 17.45
N ASP B 169 -15.07 20.55 17.87
CA ASP B 169 -13.87 21.03 18.54
C ASP B 169 -12.58 20.71 17.79
N SER B 170 -12.68 20.10 16.61
CA SER B 170 -11.55 19.83 15.73
C SER B 170 -10.51 18.93 16.38
N THR B 171 -10.89 18.09 17.34
CA THR B 171 -9.98 17.15 17.96
C THR B 171 -10.12 15.76 17.35
N TYR B 172 -9.21 14.88 17.76
CA TYR B 172 -9.22 13.49 17.36
C TYR B 172 -9.39 12.61 18.59
N SER B 173 -9.89 11.41 18.36
CA SER B 173 -9.94 10.40 19.40
C SER B 173 -9.36 9.11 18.87
N LEU B 174 -8.75 8.34 19.76
CA LEU B 174 -8.08 7.11 19.40
C LEU B 174 -8.49 6.00 20.35
N SER B 175 -8.66 4.80 19.80
CA SER B 175 -8.92 3.60 20.60
C SER B 175 -7.87 2.55 20.25
N SER B 176 -7.25 1.97 21.27
CA SER B 176 -6.28 0.90 21.10
C SER B 176 -6.73 -0.32 21.86
N THR B 177 -6.70 -1.48 21.20
CA THR B 177 -7.12 -2.74 21.81
C THR B 177 -5.95 -3.71 21.84
N LEU B 178 -5.52 -4.08 23.03
CA LEU B 178 -4.57 -5.17 23.21
C LEU B 178 -5.32 -6.46 23.49
N THR B 179 -5.05 -7.51 22.72
CA THR B 179 -5.78 -8.76 22.82
C THR B 179 -4.83 -9.92 23.08
N LEU B 180 -5.12 -10.68 24.13
CA LEU B 180 -4.34 -11.86 24.52
C LEU B 180 -5.27 -13.05 24.67
N SER B 181 -4.67 -14.24 24.65
CA SER B 181 -5.40 -15.42 25.11
C SER B 181 -5.67 -15.31 26.61
N LYS B 182 -6.78 -15.91 27.04
CA LYS B 182 -7.07 -15.95 28.47
C LYS B 182 -5.93 -16.60 29.24
N ALA B 183 -5.31 -17.65 28.68
CA ALA B 183 -4.17 -18.26 29.32
C ALA B 183 -3.04 -17.25 29.52
N ASP B 184 -2.63 -16.56 28.45
CA ASP B 184 -1.55 -15.57 28.58
C ASP B 184 -1.95 -14.42 29.48
N TYR B 185 -3.21 -13.98 29.39
CA TYR B 185 -3.68 -12.87 30.21
C TYR B 185 -3.54 -13.18 31.70
N GLU B 186 -3.77 -14.43 32.10
CA GLU B 186 -3.70 -14.78 33.50
C GLU B 186 -2.28 -15.08 33.96
N LYS B 187 -1.29 -14.94 33.08
CA LYS B 187 0.12 -15.11 33.42
C LYS B 187 0.77 -13.83 33.91
N HIS B 188 0.04 -12.71 33.91
CA HIS B 188 0.65 -11.41 34.16
C HIS B 188 -0.25 -10.56 35.03
N LYS B 189 0.33 -9.55 35.67
CA LYS B 189 -0.38 -8.72 36.65
C LYS B 189 -0.77 -7.35 36.13
N VAL B 190 0.20 -6.59 35.60
CA VAL B 190 0.04 -5.16 35.32
C VAL B 190 -0.20 -4.95 33.83
N TYR B 191 -1.27 -4.24 33.51
CA TYR B 191 -1.61 -3.89 32.15
C TYR B 191 -1.66 -2.38 32.05
N ALA B 192 -0.84 -1.81 31.17
CA ALA B 192 -0.72 -0.37 31.08
C ALA B 192 -0.60 0.05 29.62
N CYS B 193 -1.24 1.15 29.27
CA CYS B 193 -0.97 1.84 28.01
C CYS B 193 -0.30 3.16 28.33
N GLU B 194 0.81 3.41 27.64
CA GLU B 194 1.61 4.61 27.82
C GLU B 194 1.37 5.52 26.62
N VAL B 195 0.88 6.72 26.89
CA VAL B 195 0.50 7.69 25.85
C VAL B 195 1.52 8.82 25.85
N THR B 196 2.15 9.05 24.68
CA THR B 196 3.03 10.20 24.51
C THR B 196 2.39 11.14 23.51
N HIS B 197 2.23 12.41 23.91
CA HIS B 197 1.57 13.36 23.03
C HIS B 197 2.10 14.76 23.28
N GLN B 198 2.10 15.55 22.20
CA GLN B 198 2.56 16.94 22.23
C GLN B 198 1.91 17.75 23.35
N GLY B 199 0.64 17.47 23.66
CA GLY B 199 -0.03 18.20 24.71
C GLY B 199 0.24 17.71 26.11
N LEU B 200 1.09 16.70 26.26
CA LEU B 200 1.43 16.13 27.55
C LEU B 200 2.89 16.41 27.85
N SER B 201 3.10 17.05 28.98
CA SER B 201 4.44 17.38 29.44
C SER B 201 5.29 16.13 29.69
N SER B 202 4.68 15.04 30.14
CA SER B 202 5.39 13.76 30.20
C SER B 202 4.46 12.64 29.77
N PRO B 203 5.00 11.48 29.36
CA PRO B 203 4.11 10.37 28.98
C PRO B 203 3.17 10.02 30.12
N VAL B 204 1.94 9.70 29.77
CA VAL B 204 0.88 9.40 30.73
C VAL B 204 0.59 7.90 30.67
N THR B 205 0.49 7.28 31.84
CA THR B 205 0.27 5.84 31.95
C THR B 205 -1.04 5.57 32.68
N LYS B 206 -1.94 4.87 32.02
CA LYS B 206 -3.14 4.32 32.63
C LYS B 206 -2.91 2.84 32.88
N SER B 207 -3.17 2.39 34.10
CA SER B 207 -2.81 1.04 34.47
C SER B 207 -3.90 0.42 35.35
N PHE B 208 -3.91 -0.91 35.38
CA PHE B 208 -4.70 -1.68 36.32
C PHE B 208 -4.00 -3.00 36.58
N ASN B 209 -4.36 -3.62 37.70
CA ASN B 209 -3.85 -4.93 38.08
C ASN B 209 -4.95 -5.98 37.90
N ARG B 210 -4.61 -7.08 37.23
CA ARG B 210 -5.55 -8.17 37.05
C ARG B 210 -6.02 -8.69 38.41
N GLY B 211 -7.28 -8.44 38.76
CA GLY B 211 -7.83 -8.90 40.03
C GLY B 211 -8.19 -7.83 41.06
N GLU C 1 -32.80 15.31 -10.05
CA GLU C 1 -33.48 14.48 -11.04
C GLU C 1 -32.74 13.21 -11.42
N VAL C 2 -31.50 13.37 -11.87
CA VAL C 2 -30.67 12.22 -12.20
C VAL C 2 -30.30 11.49 -10.92
N GLN C 3 -30.38 10.17 -10.95
CA GLN C 3 -30.06 9.39 -9.76
C GLN C 3 -29.58 8.01 -10.20
N LEU C 4 -28.54 7.53 -9.52
CA LEU C 4 -27.95 6.22 -9.75
C LEU C 4 -27.91 5.48 -8.42
N VAL C 5 -28.31 4.21 -8.44
CA VAL C 5 -28.34 3.38 -7.24
C VAL C 5 -27.55 2.11 -7.51
N GLU C 6 -26.55 1.84 -6.67
CA GLU C 6 -25.73 0.66 -6.81
C GLU C 6 -26.32 -0.51 -6.04
N SER C 7 -26.09 -1.71 -6.58
CA SER C 7 -26.51 -2.95 -5.93
C SER C 7 -25.53 -4.05 -6.33
N GLY C 8 -25.68 -5.21 -5.68
CA GLY C 8 -24.85 -6.35 -6.00
C GLY C 8 -23.62 -6.51 -5.15
N GLY C 9 -23.35 -5.58 -4.24
CA GLY C 9 -22.18 -5.72 -3.39
C GLY C 9 -22.34 -6.85 -2.40
N GLY C 10 -21.26 -7.13 -1.69
CA GLY C 10 -21.22 -8.15 -0.69
C GLY C 10 -19.89 -8.87 -0.69
N LEU C 11 -19.89 -10.06 -0.09
CA LEU C 11 -18.68 -10.81 0.18
C LEU C 11 -18.43 -11.86 -0.90
N VAL C 12 -17.16 -12.05 -1.26
CA VAL C 12 -16.73 -13.06 -2.23
C VAL C 12 -15.33 -13.53 -1.85
N GLN C 13 -15.04 -14.82 -2.14
CA GLN C 13 -13.70 -15.33 -1.85
C GLN C 13 -12.76 -15.08 -3.02
N PRO C 14 -11.46 -15.02 -2.79
CA PRO C 14 -10.51 -14.78 -3.88
C PRO C 14 -10.71 -15.73 -5.04
N GLY C 15 -10.71 -15.19 -6.26
CA GLY C 15 -11.00 -15.95 -7.44
C GLY C 15 -12.47 -16.04 -7.78
N GLY C 16 -13.35 -15.55 -6.91
CA GLY C 16 -14.78 -15.60 -7.14
C GLY C 16 -15.25 -14.47 -8.05
N SER C 17 -16.57 -14.40 -8.20
CA SER C 17 -17.18 -13.47 -9.13
C SER C 17 -18.31 -12.69 -8.47
N LEU C 18 -18.51 -11.46 -8.94
CA LEU C 18 -19.59 -10.61 -8.48
C LEU C 18 -20.05 -9.74 -9.66
N ARG C 19 -21.33 -9.40 -9.66
CA ARG C 19 -21.88 -8.49 -10.66
C ARG C 19 -22.62 -7.35 -9.97
N LEU C 20 -22.15 -6.12 -10.16
CA LEU C 20 -22.78 -4.94 -9.61
C LEU C 20 -23.82 -4.40 -10.56
N SER C 21 -24.86 -3.79 -10.00
CA SER C 21 -25.93 -3.16 -10.77
C SER C 21 -25.90 -1.66 -10.52
N CYS C 22 -26.10 -0.90 -11.59
CA CYS C 22 -26.16 0.56 -11.53
C CYS C 22 -27.48 0.99 -12.15
N ALA C 23 -28.49 1.22 -11.32
CA ALA C 23 -29.83 1.54 -11.80
C ALA C 23 -29.98 3.05 -11.99
N ALA C 24 -30.25 3.46 -13.22
CA ALA C 24 -30.34 4.87 -13.56
C ALA C 24 -31.80 5.31 -13.58
N SER C 25 -32.05 6.51 -13.09
CA SER C 25 -33.35 7.16 -13.19
C SER C 25 -33.12 8.63 -13.53
N GLY C 26 -33.91 9.16 -14.46
CA GLY C 26 -33.79 10.55 -14.86
C GLY C 26 -33.05 10.76 -16.16
N PHE C 27 -32.46 9.71 -16.71
CA PHE C 27 -31.74 9.80 -17.98
C PHE C 27 -31.61 8.40 -18.56
N PRO C 28 -31.53 8.26 -19.88
CA PRO C 28 -31.43 6.93 -20.49
C PRO C 28 -30.02 6.38 -20.44
N ILE C 29 -29.91 5.09 -20.08
CA ILE C 29 -28.60 4.44 -20.06
C ILE C 29 -28.00 4.34 -21.46
N ARG C 30 -28.80 3.93 -22.44
CA ARG C 30 -28.30 3.83 -23.80
C ARG C 30 -27.91 5.20 -24.36
N GLY C 31 -26.70 5.28 -24.90
CA GLY C 31 -26.12 6.52 -25.38
C GLY C 31 -25.56 7.41 -24.28
N SER C 32 -25.33 6.87 -23.09
CA SER C 32 -24.83 7.64 -21.96
C SER C 32 -23.52 7.05 -21.46
N SER C 33 -22.69 7.92 -20.89
CA SER C 33 -21.37 7.52 -20.40
C SER C 33 -21.46 7.24 -18.90
N ILE C 34 -21.16 6.00 -18.52
CA ILE C 34 -21.17 5.59 -17.13
C ILE C 34 -19.75 5.20 -16.75
N HIS C 35 -19.30 5.67 -15.60
CA HIS C 35 -17.98 5.32 -15.09
C HIS C 35 -18.14 4.54 -13.81
N TRP C 36 -17.21 3.62 -13.57
CA TRP C 36 -17.12 2.90 -12.31
C TRP C 36 -15.85 3.35 -11.62
N VAL C 37 -15.98 3.81 -10.37
CA VAL C 37 -14.88 4.34 -9.59
C VAL C 37 -14.94 3.67 -8.24
N ARG C 38 -13.83 3.04 -7.83
CA ARG C 38 -13.78 2.33 -6.57
C ARG C 38 -12.88 3.05 -5.57
N GLN C 39 -13.12 2.78 -4.30
CA GLN C 39 -12.35 3.36 -3.21
C GLN C 39 -12.10 2.30 -2.15
N ALA C 40 -10.86 1.82 -2.08
CA ALA C 40 -10.46 0.96 -0.98
C ALA C 40 -10.47 1.76 0.34
N PRO C 41 -10.76 1.11 1.46
CA PRO C 41 -10.93 1.85 2.72
C PRO C 41 -9.69 2.64 3.10
N GLY C 42 -9.88 3.94 3.34
CA GLY C 42 -8.79 4.81 3.71
C GLY C 42 -7.89 5.22 2.56
N LYS C 43 -8.21 4.82 1.34
CA LYS C 43 -7.39 5.10 0.17
C LYS C 43 -8.11 6.10 -0.73
N GLY C 44 -7.47 6.41 -1.87
CA GLY C 44 -8.01 7.38 -2.79
C GLY C 44 -8.96 6.78 -3.81
N LEU C 45 -9.53 7.64 -4.63
CA LEU C 45 -10.40 7.19 -5.71
C LEU C 45 -9.58 6.52 -6.79
N GLU C 46 -10.14 5.48 -7.40
CA GLU C 46 -9.51 4.83 -8.55
C GLU C 46 -10.58 4.59 -9.61
N TRP C 47 -10.42 5.27 -10.75
CA TRP C 47 -11.26 4.96 -11.90
C TRP C 47 -10.97 3.55 -12.38
N VAL C 48 -12.02 2.83 -12.79
CA VAL C 48 -11.94 1.40 -13.06
C VAL C 48 -12.38 1.07 -14.48
N ALA C 49 -13.55 1.54 -14.88
CA ALA C 49 -14.10 1.19 -16.18
C ALA C 49 -15.05 2.29 -16.62
N ALA C 50 -15.28 2.36 -17.93
CA ALA C 50 -16.17 3.40 -18.45
C ALA C 50 -16.65 3.03 -19.84
N THR C 51 -17.89 3.40 -20.12
CA THR C 51 -18.43 3.46 -21.47
C THR C 51 -18.56 4.92 -21.87
N TYR C 52 -18.44 5.21 -23.16
CA TYR C 52 -18.73 6.54 -23.67
C TYR C 52 -20.13 6.63 -24.28
N GLY C 53 -20.94 5.59 -24.17
CA GLY C 53 -22.32 5.69 -24.64
C GLY C 53 -22.73 4.59 -25.59
N TRP C 54 -21.93 4.37 -26.60
CA TRP C 54 -22.19 3.37 -27.62
C TRP C 54 -21.50 2.06 -27.25
N PRO C 55 -21.88 0.94 -27.88
CA PRO C 55 -21.30 -0.36 -27.47
C PRO C 55 -19.79 -0.38 -27.49
N GLY C 56 -19.16 0.30 -28.45
CA GLY C 56 -17.71 0.39 -28.49
C GLY C 56 -17.21 1.42 -27.51
N SER C 57 -15.92 1.69 -27.60
CA SER C 57 -15.23 2.64 -26.72
C SER C 57 -15.29 2.24 -25.25
N ILE C 58 -15.66 0.99 -24.94
CA ILE C 58 -15.60 0.54 -23.55
C ILE C 58 -14.15 0.39 -23.14
N THR C 59 -13.77 1.12 -22.10
CA THR C 59 -12.39 1.21 -21.64
C THR C 59 -12.29 0.63 -20.23
N TYR C 60 -11.14 0.04 -19.93
CA TYR C 60 -10.86 -0.48 -18.60
C TYR C 60 -9.51 0.03 -18.13
N ALA C 61 -9.33 0.06 -16.82
CA ALA C 61 -8.04 0.32 -16.22
C ALA C 61 -7.18 -0.94 -16.27
N ASP C 62 -5.86 -0.75 -16.23
CA ASP C 62 -4.97 -1.91 -16.29
C ASP C 62 -5.16 -2.82 -15.09
N SER C 63 -5.52 -2.25 -13.93
CA SER C 63 -5.70 -3.05 -12.72
C SER C 63 -6.87 -4.01 -12.83
N VAL C 64 -7.74 -3.86 -13.83
CA VAL C 64 -8.95 -4.68 -13.89
C VAL C 64 -9.15 -5.26 -15.28
N LYS C 65 -8.35 -4.82 -16.24
CA LYS C 65 -8.52 -5.29 -17.61
C LYS C 65 -8.31 -6.79 -17.69
N GLY C 66 -9.18 -7.47 -18.43
CA GLY C 66 -9.20 -8.89 -18.52
C GLY C 66 -10.17 -9.53 -17.55
N ARG C 67 -10.37 -8.92 -16.38
CA ARG C 67 -11.21 -9.51 -15.35
C ARG C 67 -12.59 -8.88 -15.23
N PHE C 68 -12.74 -7.59 -15.53
CA PHE C 68 -14.02 -6.91 -15.37
C PHE C 68 -14.64 -6.60 -16.73
N THR C 69 -15.97 -6.65 -16.78
CA THR C 69 -16.71 -6.48 -18.04
C THR C 69 -17.98 -5.67 -17.80
N ILE C 70 -18.19 -4.63 -18.62
CA ILE C 70 -19.35 -3.74 -18.53
C ILE C 70 -20.49 -4.29 -19.38
N SER C 71 -21.74 -4.13 -18.90
CA SER C 71 -22.92 -4.45 -19.69
C SER C 71 -24.02 -3.44 -19.39
N ALA C 72 -25.14 -3.58 -20.08
CA ALA C 72 -26.34 -2.76 -19.83
C ALA C 72 -27.54 -3.52 -20.36
N ASP C 73 -28.73 -3.07 -19.96
CA ASP C 73 -29.96 -3.66 -20.49
C ASP C 73 -30.96 -2.50 -20.46
N THR C 74 -31.28 -1.94 -21.62
CA THR C 74 -32.01 -0.68 -21.66
C THR C 74 -33.43 -0.80 -21.12
N SER C 75 -34.05 -1.98 -21.18
CA SER C 75 -35.39 -2.15 -20.63
C SER C 75 -35.42 -1.83 -19.14
N LYS C 76 -34.48 -2.39 -18.38
CA LYS C 76 -34.35 -2.06 -16.96
C LYS C 76 -33.63 -0.74 -16.72
N ASN C 77 -33.04 -0.16 -17.77
CA ASN C 77 -32.27 1.08 -17.68
C ASN C 77 -31.20 1.02 -16.60
N THR C 78 -30.44 -0.07 -16.58
CA THR C 78 -29.37 -0.28 -15.62
C THR C 78 -28.14 -0.80 -16.33
N ALA C 79 -26.97 -0.33 -15.89
CA ALA C 79 -25.68 -0.83 -16.34
C ALA C 79 -25.13 -1.84 -15.35
N TYR C 80 -24.18 -2.64 -15.82
CA TYR C 80 -23.65 -3.74 -15.02
C TYR C 80 -22.14 -3.77 -15.13
N LEU C 81 -21.51 -4.20 -14.02
CA LEU C 81 -20.06 -4.40 -13.96
C LEU C 81 -19.85 -5.83 -13.49
N GLN C 82 -19.52 -6.71 -14.42
CA GLN C 82 -19.22 -8.09 -14.08
C GLN C 82 -17.78 -8.20 -13.61
N MET C 83 -17.58 -8.67 -12.38
CA MET C 83 -16.26 -8.81 -11.80
C MET C 83 -15.93 -10.27 -11.60
N ASN C 84 -14.85 -10.73 -12.22
CA ASN C 84 -14.39 -12.10 -12.16
C ASN C 84 -12.96 -12.16 -11.64
N SER C 85 -12.58 -13.34 -11.15
CA SER C 85 -11.24 -13.61 -10.64
C SER C 85 -10.79 -12.51 -9.69
N LEU C 86 -11.64 -12.25 -8.70
CA LEU C 86 -11.41 -11.15 -7.79
C LEU C 86 -10.27 -11.47 -6.85
N ARG C 87 -9.47 -10.46 -6.56
CA ARG C 87 -8.41 -10.56 -5.58
C ARG C 87 -8.75 -9.66 -4.41
N ALA C 88 -8.07 -9.90 -3.27
CA ALA C 88 -8.37 -9.09 -2.08
C ALA C 88 -8.09 -7.62 -2.30
N GLU C 89 -7.17 -7.28 -3.21
CA GLU C 89 -6.91 -5.87 -3.55
C GLU C 89 -8.14 -5.15 -4.08
N ASP C 90 -9.07 -5.88 -4.68
CA ASP C 90 -10.28 -5.26 -5.21
C ASP C 90 -11.28 -4.89 -4.14
N THR C 91 -11.01 -5.20 -2.87
CA THR C 91 -11.87 -4.79 -1.79
C THR C 91 -11.99 -3.27 -1.76
N ALA C 92 -13.20 -2.77 -1.93
CA ALA C 92 -13.42 -1.35 -2.06
C ALA C 92 -14.92 -1.07 -2.05
N VAL C 93 -15.26 0.19 -1.85
CA VAL C 93 -16.58 0.70 -2.20
C VAL C 93 -16.58 1.04 -3.68
N TYR C 94 -17.59 0.55 -4.40
CA TYR C 94 -17.66 0.73 -5.84
C TYR C 94 -18.76 1.74 -6.18
N TYR C 95 -18.37 2.83 -6.84
CA TYR C 95 -19.28 3.86 -7.32
C TYR C 95 -19.51 3.71 -8.82
N CYS C 96 -20.75 3.93 -9.24
CA CYS C 96 -21.03 4.19 -10.64
C CYS C 96 -21.47 5.65 -10.75
N ALA C 97 -21.16 6.28 -11.88
CA ALA C 97 -21.43 7.70 -12.02
C ALA C 97 -21.67 8.04 -13.49
N ARG C 98 -22.54 9.03 -13.72
CA ARG C 98 -22.83 9.54 -15.05
C ARG C 98 -21.80 10.61 -15.40
N ARG C 99 -21.16 10.46 -16.55
CA ARG C 99 -20.24 11.48 -17.05
C ARG C 99 -21.00 12.39 -18.01
N HIS C 100 -21.40 13.55 -17.51
CA HIS C 100 -21.95 14.58 -18.38
C HIS C 100 -20.92 14.92 -19.46
N THR C 101 -21.36 14.89 -20.71
CA THR C 101 -20.49 15.27 -21.82
C THR C 101 -20.49 16.78 -21.94
N TYR C 102 -20.39 17.31 -23.16
CA TYR C 102 -20.31 18.75 -23.35
C TYR C 102 -21.45 19.45 -22.62
N PRO C 103 -21.17 20.56 -21.91
CA PRO C 103 -19.83 21.15 -21.78
C PRO C 103 -19.08 20.78 -20.50
N LEU C 104 -19.56 19.78 -19.75
CA LEU C 104 -18.97 19.47 -18.46
C LEU C 104 -17.75 18.56 -18.60
N TRP C 105 -17.91 17.41 -19.24
CA TRP C 105 -16.89 16.37 -19.26
C TRP C 105 -16.46 15.99 -17.84
N ALA C 106 -17.45 15.70 -17.01
CA ALA C 106 -17.18 15.42 -15.60
C ALA C 106 -18.25 14.50 -15.03
N LEU C 107 -17.89 13.80 -13.97
CA LEU C 107 -18.84 12.94 -13.26
C LEU C 107 -19.66 13.84 -12.34
N ASP C 108 -20.82 14.27 -12.83
CA ASP C 108 -21.66 15.19 -12.09
C ASP C 108 -22.62 14.50 -11.13
N TYR C 109 -22.92 13.22 -11.33
CA TYR C 109 -23.83 12.49 -10.46
C TYR C 109 -23.22 11.14 -10.11
N TRP C 110 -23.17 10.83 -8.82
CA TRP C 110 -22.64 9.56 -8.35
C TRP C 110 -23.72 8.84 -7.55
N GLY C 111 -23.61 7.51 -7.51
CA GLY C 111 -24.40 6.75 -6.58
C GLY C 111 -23.80 6.85 -5.19
N GLN C 112 -24.49 6.24 -4.23
CA GLN C 112 -23.98 6.23 -2.86
C GLN C 112 -22.94 5.14 -2.66
N GLY C 113 -22.70 4.31 -3.66
CA GLY C 113 -21.71 3.26 -3.57
C GLY C 113 -22.24 1.97 -2.96
N THR C 114 -21.57 0.88 -3.28
CA THR C 114 -21.87 -0.42 -2.72
C THR C 114 -20.56 -1.10 -2.35
N LEU C 115 -20.53 -1.76 -1.20
CA LEU C 115 -19.27 -2.28 -0.68
C LEU C 115 -19.01 -3.67 -1.24
N VAL C 116 -17.82 -3.86 -1.79
CA VAL C 116 -17.37 -5.16 -2.29
C VAL C 116 -16.21 -5.60 -1.43
N THR C 117 -16.36 -6.76 -0.77
CA THR C 117 -15.31 -7.32 0.07
C THR C 117 -14.84 -8.65 -0.52
N VAL C 118 -13.57 -8.70 -0.90
CA VAL C 118 -12.93 -9.91 -1.40
C VAL C 118 -12.00 -10.41 -0.30
N SER C 119 -12.32 -11.57 0.26
CA SER C 119 -11.53 -12.12 1.35
C SER C 119 -11.83 -13.61 1.47
N SER C 120 -10.92 -14.32 2.14
CA SER C 120 -11.12 -15.72 2.48
C SER C 120 -11.88 -15.90 3.77
N ALA C 121 -12.09 -14.83 4.54
CA ALA C 121 -12.92 -14.90 5.73
C ALA C 121 -14.37 -15.16 5.35
N SER C 122 -15.14 -15.65 6.32
CA SER C 122 -16.54 -15.96 6.13
C SER C 122 -17.42 -15.11 7.05
N THR C 123 -18.69 -14.97 6.66
CA THR C 123 -19.64 -14.16 7.42
C THR C 123 -19.67 -14.63 8.87
N LYS C 124 -19.46 -13.71 9.80
CA LYS C 124 -19.35 -14.07 11.20
C LYS C 124 -19.96 -12.96 12.06
N GLY C 125 -20.74 -13.37 13.05
CA GLY C 125 -21.36 -12.42 13.94
C GLY C 125 -20.38 -11.89 14.97
N PRO C 126 -20.58 -10.66 15.40
CA PRO C 126 -19.71 -10.08 16.42
C PRO C 126 -20.10 -10.52 17.81
N SER C 127 -19.10 -10.57 18.69
CA SER C 127 -19.31 -10.61 20.12
C SER C 127 -19.22 -9.19 20.63
N VAL C 128 -20.18 -8.81 21.49
CA VAL C 128 -20.25 -7.47 22.02
C VAL C 128 -19.93 -7.54 23.50
N PHE C 129 -18.86 -6.90 23.89
CA PHE C 129 -18.44 -6.89 25.28
C PHE C 129 -18.53 -5.49 25.85
N PRO C 130 -18.80 -5.36 27.14
CA PRO C 130 -18.88 -4.03 27.74
C PRO C 130 -17.50 -3.47 28.07
N LEU C 131 -17.36 -2.17 27.88
CA LEU C 131 -16.23 -1.41 28.42
C LEU C 131 -16.77 -0.65 29.63
N ALA C 132 -16.59 -1.24 30.82
CA ALA C 132 -17.29 -0.81 32.04
C ALA C 132 -16.69 0.47 32.60
N PRO C 133 -17.56 1.42 33.00
CA PRO C 133 -17.06 2.66 33.62
C PRO C 133 -16.40 2.38 34.95
N SER C 134 -15.42 3.21 35.27
CA SER C 134 -14.69 3.07 36.53
C SER C 134 -13.99 4.39 36.89
N GLY C 140 -12.28 12.62 35.70
CA GLY C 140 -12.33 13.97 35.11
C GLY C 140 -13.69 14.60 35.28
N GLY C 141 -14.41 14.19 36.33
CA GLY C 141 -15.80 14.58 36.65
C GLY C 141 -16.65 13.88 35.64
N THR C 142 -15.95 13.21 34.74
CA THR C 142 -16.54 12.59 33.58
C THR C 142 -16.16 11.11 33.58
N ALA C 143 -17.09 10.24 33.22
CA ALA C 143 -16.81 8.83 33.07
C ALA C 143 -16.86 8.44 31.60
N ALA C 144 -16.04 7.49 31.22
CA ALA C 144 -16.05 6.93 29.87
C ALA C 144 -16.51 5.49 29.92
N LEU C 145 -17.34 5.10 28.95
CA LEU C 145 -17.79 3.72 28.84
C LEU C 145 -18.04 3.43 27.38
N GLY C 146 -18.11 2.14 27.05
CA GLY C 146 -18.34 1.78 25.68
C GLY C 146 -18.57 0.30 25.48
N CYS C 147 -18.50 -0.11 24.23
CA CYS C 147 -18.72 -1.49 23.84
C CYS C 147 -17.64 -1.92 22.85
N LEU C 148 -17.09 -3.12 23.06
CA LEU C 148 -16.11 -3.69 22.14
C LEU C 148 -16.82 -4.70 21.24
N VAL C 149 -16.84 -4.42 19.95
CA VAL C 149 -17.53 -5.23 18.96
C VAL C 149 -16.44 -6.03 18.24
N LYS C 150 -16.26 -7.30 18.61
CA LYS C 150 -15.03 -8.02 18.29
C LYS C 150 -15.29 -9.20 17.35
N ASP C 151 -14.39 -9.35 16.37
CA ASP C 151 -14.29 -10.52 15.48
C ASP C 151 -15.58 -10.76 14.69
N TYR C 152 -15.98 -9.76 13.90
CA TYR C 152 -17.08 -9.93 12.97
C TYR C 152 -16.56 -9.82 11.53
N PHE C 153 -17.42 -10.23 10.60
CA PHE C 153 -17.05 -10.15 9.20
C PHE C 153 -18.26 -10.38 8.32
N PRO C 154 -18.43 -9.61 7.23
CA PRO C 154 -17.57 -8.45 6.91
C PRO C 154 -18.13 -7.15 7.47
N GLU C 155 -17.56 -6.04 7.04
CA GLU C 155 -18.16 -4.75 7.30
C GLU C 155 -19.51 -4.67 6.61
N PRO C 156 -20.43 -3.80 7.10
CA PRO C 156 -20.28 -2.91 8.24
C PRO C 156 -21.11 -3.30 9.45
N VAL C 157 -20.89 -2.60 10.57
CA VAL C 157 -21.78 -2.64 11.73
C VAL C 157 -22.18 -1.22 12.06
N THR C 158 -23.32 -1.10 12.74
CA THR C 158 -23.80 0.18 13.25
C THR C 158 -23.97 0.09 14.76
N VAL C 159 -23.65 1.17 15.45
CA VAL C 159 -23.74 1.25 16.89
C VAL C 159 -24.52 2.50 17.27
N SER C 160 -25.52 2.34 18.13
CA SER C 160 -26.23 3.46 18.73
C SER C 160 -26.27 3.25 20.23
N TRP C 161 -26.69 4.30 20.94
CA TRP C 161 -26.71 4.26 22.40
C TRP C 161 -28.10 4.64 22.89
N ASN C 162 -28.63 3.82 23.80
CA ASN C 162 -29.96 4.05 24.36
C ASN C 162 -30.99 4.24 23.25
N SER C 163 -30.90 3.37 22.24
CA SER C 163 -31.81 3.35 21.11
C SER C 163 -31.84 4.69 20.39
N GLY C 164 -30.70 5.36 20.32
CA GLY C 164 -30.60 6.62 19.63
C GLY C 164 -30.81 7.85 20.49
N ALA C 165 -31.21 7.67 21.76
CA ALA C 165 -31.43 8.79 22.66
C ALA C 165 -30.13 9.38 23.20
N LEU C 166 -29.00 8.70 23.03
CA LEU C 166 -27.71 9.17 23.51
C LEU C 166 -26.79 9.39 22.31
N THR C 167 -26.48 10.66 22.02
CA THR C 167 -25.66 10.99 20.85
C THR C 167 -24.50 11.88 21.25
N SER C 168 -24.71 12.69 22.29
CA SER C 168 -23.67 13.63 22.71
C SER C 168 -22.51 12.89 23.37
N GLY C 169 -21.30 13.21 22.93
CA GLY C 169 -20.12 12.60 23.52
C GLY C 169 -19.81 11.21 23.02
N VAL C 170 -20.40 10.79 21.89
CA VAL C 170 -20.25 9.45 21.37
C VAL C 170 -19.12 9.41 20.35
N HIS C 171 -18.21 8.45 20.51
CA HIS C 171 -17.17 8.16 19.51
C HIS C 171 -17.27 6.69 19.13
N THR C 172 -17.79 6.42 17.94
CA THR C 172 -17.71 5.08 17.35
C THR C 172 -16.50 5.07 16.42
N PHE C 173 -15.58 4.20 16.69
CA PHE C 173 -14.32 4.26 15.99
C PHE C 173 -14.37 3.46 14.69
N PRO C 174 -13.55 3.85 13.70
CA PRO C 174 -13.43 3.03 12.49
C PRO C 174 -12.97 1.62 12.83
N ALA C 175 -13.50 0.66 12.08
CA ALA C 175 -13.13 -0.73 12.29
C ALA C 175 -11.68 -0.98 11.89
N VAL C 176 -11.04 -1.92 12.58
CA VAL C 176 -9.68 -2.34 12.25
C VAL C 176 -9.73 -3.77 11.72
N LEU C 177 -8.89 -4.07 10.73
CA LEU C 177 -8.85 -5.39 10.12
C LEU C 177 -7.66 -6.15 10.69
N GLN C 178 -7.95 -7.22 11.42
CA GLN C 178 -6.92 -7.95 12.15
C GLN C 178 -6.22 -8.96 11.25
N SER C 179 -5.08 -9.44 11.72
CA SER C 179 -4.32 -10.42 10.93
C SER C 179 -5.14 -11.68 10.66
N SER C 180 -6.14 -11.96 11.51
CA SER C 180 -7.03 -13.09 11.26
C SER C 180 -7.87 -12.89 10.01
N GLY C 181 -8.04 -11.65 9.54
CA GLY C 181 -9.02 -11.37 8.52
C GLY C 181 -10.35 -10.91 9.05
N LEU C 182 -10.54 -10.87 10.36
CA LEU C 182 -11.79 -10.43 10.97
C LEU C 182 -11.70 -8.97 11.41
N TYR C 183 -12.87 -8.34 11.53
CA TYR C 183 -12.98 -6.95 11.92
C TYR C 183 -13.32 -6.81 13.40
N SER C 184 -13.01 -5.63 13.94
CA SER C 184 -13.29 -5.31 15.33
C SER C 184 -13.36 -3.81 15.46
N LEU C 185 -14.30 -3.31 16.26
CA LEU C 185 -14.37 -1.88 16.52
C LEU C 185 -14.85 -1.59 17.93
N SER C 186 -14.68 -0.34 18.34
CA SER C 186 -15.08 0.16 19.64
C SER C 186 -16.05 1.32 19.45
N SER C 187 -16.96 1.47 20.41
CA SER C 187 -17.81 2.64 20.48
C SER C 187 -17.79 3.11 21.92
N VAL C 188 -17.47 4.38 22.14
CA VAL C 188 -17.36 4.90 23.49
C VAL C 188 -18.23 6.15 23.62
N VAL C 189 -18.54 6.48 24.87
CA VAL C 189 -19.30 7.68 25.18
C VAL C 189 -18.88 8.16 26.57
N THR C 190 -18.71 9.47 26.72
CA THR C 190 -18.39 10.07 28.00
C THR C 190 -19.64 10.70 28.59
N VAL C 191 -19.92 10.38 29.85
CA VAL C 191 -21.13 10.85 30.54
C VAL C 191 -20.74 11.39 31.89
N PRO C 192 -21.61 12.20 32.52
CA PRO C 192 -21.36 12.65 33.89
C PRO C 192 -21.28 11.48 34.86
N SER C 193 -20.22 11.48 35.68
CA SER C 193 -20.04 10.42 36.66
C SER C 193 -21.17 10.40 37.68
N SER C 194 -21.81 11.54 37.91
CA SER C 194 -22.93 11.61 38.83
C SER C 194 -24.16 10.83 38.36
N SER C 195 -24.19 10.41 37.10
CA SER C 195 -25.34 9.70 36.53
C SER C 195 -25.09 8.21 36.36
N LEU C 196 -24.08 7.65 37.05
CA LEU C 196 -23.71 6.26 36.78
C LEU C 196 -24.63 5.27 37.48
N GLY C 197 -24.97 5.52 38.74
CA GLY C 197 -25.90 4.65 39.42
C GLY C 197 -27.36 4.93 39.16
N THR C 198 -27.66 5.93 38.34
CA THR C 198 -29.03 6.36 38.06
C THR C 198 -29.45 6.11 36.62
N GLN C 199 -28.55 6.31 35.67
CA GLN C 199 -28.85 6.27 34.24
C GLN C 199 -28.38 4.96 33.63
N THR C 200 -29.22 4.35 32.82
CA THR C 200 -28.89 3.13 32.11
C THR C 200 -28.23 3.45 30.78
N TYR C 201 -27.17 2.72 30.46
CA TYR C 201 -26.45 2.88 29.20
C TYR C 201 -26.40 1.55 28.47
N ILE C 202 -27.03 1.50 27.29
CA ILE C 202 -27.07 0.31 26.45
C ILE C 202 -26.52 0.69 25.10
N CYS C 203 -25.61 -0.13 24.57
CA CYS C 203 -25.19 0.01 23.19
C CYS C 203 -25.96 -0.98 22.34
N ASN C 204 -26.41 -0.53 21.18
CA ASN C 204 -27.20 -1.34 20.27
C ASN C 204 -26.34 -1.59 19.05
N VAL C 205 -25.98 -2.86 18.84
CA VAL C 205 -25.10 -3.27 17.76
C VAL C 205 -25.92 -4.01 16.73
N ASN C 206 -25.75 -3.64 15.46
CA ASN C 206 -26.45 -4.27 14.35
C ASN C 206 -25.43 -4.68 13.30
N HIS C 207 -25.33 -5.98 13.02
CA HIS C 207 -24.47 -6.50 11.97
C HIS C 207 -25.37 -7.13 10.91
N LYS C 208 -25.74 -6.33 9.91
CA LYS C 208 -26.67 -6.80 8.88
C LYS C 208 -26.20 -8.03 8.11
N PRO C 209 -24.92 -8.18 7.72
CA PRO C 209 -24.53 -9.36 6.93
C PRO C 209 -24.77 -10.70 7.61
N SER C 210 -24.77 -10.75 8.95
CA SER C 210 -24.98 -11.99 9.67
C SER C 210 -26.29 -12.00 10.45
N ASN C 211 -27.15 -10.99 10.23
CA ASN C 211 -28.42 -10.86 10.95
C ASN C 211 -28.21 -10.85 12.46
N THR C 212 -27.22 -10.09 12.90
CA THR C 212 -26.90 -10.05 14.34
C THR C 212 -27.36 -8.73 14.96
N LYS C 213 -28.20 -8.81 15.97
CA LYS C 213 -28.64 -7.62 16.70
C LYS C 213 -28.32 -7.87 18.17
N VAL C 214 -27.52 -7.00 18.77
CA VAL C 214 -27.19 -7.22 20.20
C VAL C 214 -27.39 -5.90 20.91
N ASP C 215 -28.04 -5.96 22.06
CA ASP C 215 -28.12 -4.79 22.90
C ASP C 215 -27.42 -5.18 24.18
N LYS C 216 -26.37 -4.45 24.54
CA LYS C 216 -25.55 -4.79 25.70
C LYS C 216 -25.62 -3.64 26.69
N LYS C 217 -25.87 -3.99 27.96
CA LYS C 217 -25.95 -3.03 29.03
C LYS C 217 -24.56 -2.85 29.64
N VAL C 218 -24.20 -1.60 29.87
CA VAL C 218 -22.85 -1.27 30.35
C VAL C 218 -22.99 -0.71 31.76
N GLU C 219 -22.57 -1.49 32.74
CA GLU C 219 -22.67 -1.15 34.15
C GLU C 219 -21.30 -1.18 34.81
N PRO C 220 -21.10 -0.45 35.91
CA PRO C 220 -19.88 -0.61 36.70
C PRO C 220 -19.77 -2.01 37.29
N LYS D 10 31.13 -53.77 9.85
CA LYS D 10 31.31 -52.73 10.85
C LYS D 10 30.32 -51.60 10.61
N CYS D 11 30.18 -50.71 11.60
CA CYS D 11 29.22 -49.62 11.53
C CYS D 11 29.95 -48.28 11.41
N GLN D 12 29.18 -47.27 11.03
CA GLN D 12 29.64 -45.90 10.88
C GLN D 12 28.67 -44.96 11.58
N PRO D 13 29.15 -43.87 12.16
CA PRO D 13 28.24 -42.92 12.79
C PRO D 13 27.31 -42.28 11.77
N ILE D 14 26.10 -41.95 12.23
CA ILE D 14 25.12 -41.30 11.38
C ILE D 14 25.61 -39.91 11.03
N GLU D 15 25.55 -39.67 9.72
CA GLU D 15 25.97 -38.41 9.07
C GLU D 15 24.77 -37.82 8.35
N ILE D 16 23.60 -38.48 8.41
CA ILE D 16 22.37 -37.96 7.77
C ILE D 16 21.77 -36.94 8.73
N PRO D 17 21.77 -35.65 8.38
CA PRO D 17 21.29 -34.61 9.27
C PRO D 17 19.93 -34.85 9.94
N MET D 18 19.01 -35.57 9.30
CA MET D 18 17.71 -35.74 9.94
C MET D 18 17.64 -36.95 10.88
N CYS D 19 18.70 -37.75 10.98
CA CYS D 19 18.70 -38.90 11.87
C CYS D 19 19.71 -38.79 13.00
N LYS D 20 20.24 -37.60 13.25
CA LYS D 20 21.09 -37.37 14.41
C LYS D 20 20.26 -37.20 15.67
N ASP D 21 20.86 -37.58 16.81
CA ASP D 21 20.23 -37.46 18.12
C ASP D 21 18.86 -38.14 18.15
N ILE D 22 18.81 -39.34 17.58
CA ILE D 22 17.56 -40.10 17.45
C ILE D 22 17.47 -41.26 18.42
N GLY D 23 18.55 -41.55 19.16
CA GLY D 23 18.55 -42.66 20.09
C GLY D 23 19.75 -43.57 19.89
N TYR D 24 20.22 -43.67 18.65
CA TYR D 24 21.42 -44.41 18.32
C TYR D 24 22.33 -43.56 17.45
N GLN D 25 23.62 -43.89 17.46
CA GLN D 25 24.63 -43.03 16.87
C GLN D 25 25.23 -43.58 15.58
N MET D 26 25.05 -44.86 15.27
CA MET D 26 25.73 -45.49 14.16
C MET D 26 24.69 -46.20 13.30
N THR D 27 25.00 -46.40 12.00
CA THR D 27 24.06 -47.11 11.14
C THR D 27 24.91 -47.90 10.14
N ARG D 28 24.35 -48.80 9.32
CA ARG D 28 25.14 -49.52 8.28
C ARG D 28 24.52 -49.28 6.89
N MET D 29 25.35 -48.90 5.91
CA MET D 29 24.97 -48.70 4.53
C MET D 29 25.40 -49.85 3.60
N PRO D 30 24.54 -50.28 2.65
CA PRO D 30 23.20 -49.78 2.35
C PRO D 30 22.14 -49.89 3.47
N ASN D 31 21.10 -49.05 3.38
CA ASN D 31 19.98 -49.03 4.30
C ASN D 31 18.90 -50.01 3.82
N LEU D 32 17.67 -49.88 4.30
CA LEU D 32 16.58 -50.73 3.85
C LEU D 32 15.88 -50.18 2.61
N MET D 33 16.35 -49.07 2.05
CA MET D 33 15.78 -48.52 0.83
C MET D 33 16.68 -48.69 -0.40
N GLY D 34 17.87 -49.24 -0.25
CA GLY D 34 18.74 -49.51 -1.36
C GLY D 34 19.88 -48.53 -1.54
N HIS D 35 19.80 -47.36 -0.91
CA HIS D 35 20.84 -46.36 -1.07
C HIS D 35 22.17 -46.94 -0.59
N GLU D 36 23.24 -46.43 -1.18
CA GLU D 36 24.58 -46.98 -1.06
C GLU D 36 25.49 -46.20 -0.12
N ASN D 37 25.13 -44.94 0.15
CA ASN D 37 25.84 -44.05 1.07
C ASN D 37 24.87 -43.09 1.73
N GLN D 38 25.35 -42.40 2.76
CA GLN D 38 24.51 -41.50 3.54
C GLN D 38 24.16 -40.25 2.73
N ARG D 39 24.98 -39.93 1.74
CA ARG D 39 24.61 -38.89 0.78
C ARG D 39 23.29 -39.18 0.09
N GLU D 40 23.19 -40.32 -0.58
CA GLU D 40 21.96 -40.62 -1.30
C GLU D 40 20.80 -40.89 -0.36
N ALA D 41 21.06 -41.46 0.81
CA ALA D 41 20.00 -41.74 1.77
C ALA D 41 19.31 -40.44 2.21
N ALA D 42 20.10 -39.41 2.51
CA ALA D 42 19.53 -38.12 2.93
C ALA D 42 18.72 -37.45 1.84
N ILE D 43 19.10 -37.61 0.57
CA ILE D 43 18.45 -36.89 -0.53
C ILE D 43 17.00 -37.32 -0.69
N GLN D 44 16.79 -38.62 -0.61
CA GLN D 44 15.53 -39.37 -0.72
C GLN D 44 14.73 -39.36 0.55
N LEU D 45 15.42 -39.21 1.68
CA LEU D 45 14.74 -38.96 2.93
C LEU D 45 14.17 -37.55 2.94
N HIS D 46 14.67 -36.66 2.07
CA HIS D 46 14.08 -35.33 2.01
C HIS D 46 12.63 -35.40 1.62
N GLU D 47 12.18 -36.55 1.13
CA GLU D 47 10.85 -36.57 0.57
C GLU D 47 9.84 -36.24 1.66
N PHE D 48 10.14 -36.66 2.89
CA PHE D 48 9.27 -36.54 4.04
C PHE D 48 9.66 -35.41 4.98
N ALA D 49 10.71 -34.65 4.66
CA ALA D 49 11.12 -33.57 5.55
C ALA D 49 10.02 -32.56 5.85
N PRO D 50 9.17 -32.16 4.90
CA PRO D 50 8.03 -31.30 5.27
C PRO D 50 7.15 -31.92 6.35
N LEU D 51 6.98 -33.24 6.33
CA LEU D 51 6.12 -33.87 7.32
C LEU D 51 6.80 -33.97 8.68
N VAL D 52 8.10 -34.28 8.70
CA VAL D 52 8.84 -34.24 9.95
C VAL D 52 8.75 -32.84 10.56
N GLU D 53 8.87 -31.82 9.72
CA GLU D 53 8.85 -30.44 10.21
C GLU D 53 7.47 -30.05 10.70
N TYR D 54 6.43 -30.51 10.03
CA TYR D 54 5.07 -30.17 10.42
C TYR D 54 4.72 -30.75 11.77
N GLY D 55 5.35 -31.86 12.15
CA GLY D 55 5.09 -32.48 13.44
C GLY D 55 3.71 -33.09 13.57
N CYS D 56 3.14 -33.62 12.48
CA CYS D 56 1.82 -34.20 12.55
C CYS D 56 1.75 -35.39 13.50
N HIS D 57 2.87 -36.08 13.73
CA HIS D 57 2.90 -37.16 14.70
C HIS D 57 3.89 -36.88 15.83
N GLY D 58 5.20 -36.93 15.55
CA GLY D 58 6.21 -36.71 16.55
C GLY D 58 7.16 -37.88 16.71
N HIS D 59 6.76 -39.07 16.29
CA HIS D 59 7.64 -40.22 16.18
C HIS D 59 7.97 -40.50 14.72
N LEU D 60 7.55 -39.62 13.81
CA LEU D 60 7.77 -39.85 12.39
C LEU D 60 9.25 -39.80 12.04
N ARG D 61 9.99 -38.89 12.67
CA ARG D 61 11.42 -38.79 12.40
C ARG D 61 12.15 -40.05 12.86
N PHE D 62 11.80 -40.56 14.04
CA PHE D 62 12.42 -41.79 14.50
C PHE D 62 12.03 -42.97 13.63
N PHE D 63 10.75 -43.06 13.25
CA PHE D 63 10.29 -44.19 12.44
C PHE D 63 10.98 -44.18 11.07
N LEU D 64 11.02 -43.01 10.42
CA LEU D 64 11.67 -42.92 9.11
C LEU D 64 13.15 -43.26 9.20
N CYS D 65 13.82 -42.76 10.24
CA CYS D 65 15.23 -43.07 10.43
C CYS D 65 15.45 -44.54 10.72
N SER D 66 14.45 -45.21 11.30
CA SER D 66 14.60 -46.64 11.56
C SER D 66 14.88 -47.41 10.27
N LEU D 67 14.34 -46.96 9.15
CA LEU D 67 14.56 -47.59 7.85
C LEU D 67 15.62 -46.88 7.01
N TYR D 68 15.60 -45.55 6.94
CA TYR D 68 16.55 -44.85 6.08
C TYR D 68 17.96 -44.84 6.67
N ALA D 69 18.08 -44.89 8.00
CA ALA D 69 19.37 -44.98 8.68
C ALA D 69 19.24 -45.95 9.84
N PRO D 70 19.07 -47.24 9.55
CA PRO D 70 18.79 -48.22 10.60
C PRO D 70 19.92 -48.34 11.62
N MET D 71 19.55 -48.76 12.83
CA MET D 71 20.52 -48.93 13.90
C MET D 71 21.54 -49.99 13.50
N CYS D 72 22.79 -49.79 13.89
CA CYS D 72 23.86 -50.75 13.64
C CYS D 72 24.54 -51.03 14.96
N THR D 73 24.66 -52.31 15.29
CA THR D 73 25.18 -52.79 16.57
C THR D 73 26.21 -53.87 16.31
N GLU D 74 27.35 -53.80 17.01
CA GLU D 74 28.41 -54.77 16.80
C GLU D 74 27.95 -56.17 17.18
N GLN D 75 27.22 -56.28 18.30
CA GLN D 75 26.76 -57.55 18.86
C GLN D 75 25.70 -58.25 18.01
N VAL D 76 24.50 -57.67 17.93
CA VAL D 76 23.41 -58.23 17.13
C VAL D 76 23.69 -58.00 15.64
N SER D 77 23.69 -59.09 14.86
CA SER D 77 24.04 -59.15 13.45
C SER D 77 22.88 -58.74 12.57
N THR D 78 21.75 -58.50 13.19
CA THR D 78 20.64 -58.32 12.31
C THR D 78 20.12 -56.90 12.43
N PRO D 79 19.74 -56.29 11.32
CA PRO D 79 19.10 -54.98 11.39
C PRO D 79 17.76 -55.09 12.10
N ILE D 80 17.48 -54.09 12.92
CA ILE D 80 16.29 -54.05 13.77
C ILE D 80 15.48 -52.83 13.34
N PRO D 81 14.24 -53.02 12.85
CA PRO D 81 13.44 -51.88 12.41
C PRO D 81 12.41 -51.41 13.43
N ALA D 82 11.64 -50.39 13.04
CA ALA D 82 10.57 -49.87 13.86
C ALA D 82 9.32 -50.73 13.74
N CYS D 83 8.44 -50.60 14.75
CA CYS D 83 7.22 -51.40 14.77
C CYS D 83 6.22 -50.92 13.73
N ARG D 84 5.46 -51.89 13.21
CA ARG D 84 4.28 -51.62 12.40
C ARG D 84 3.35 -50.62 13.07
N VAL D 85 3.10 -50.81 14.38
CA VAL D 85 2.17 -49.95 15.12
C VAL D 85 2.54 -48.46 15.00
N MET D 86 3.82 -48.15 14.84
CA MET D 86 4.22 -46.75 14.81
C MET D 86 3.97 -46.12 13.45
N CYS D 87 4.39 -46.80 12.39
CA CYS D 87 3.98 -46.38 11.06
C CYS D 87 2.46 -46.31 11.00
N GLU D 88 1.77 -47.25 11.65
CA GLU D 88 0.30 -47.26 11.75
C GLU D 88 -0.28 -45.93 12.26
N GLN D 89 0.26 -45.44 13.37
CA GLN D 89 -0.18 -44.15 13.89
C GLN D 89 0.36 -43.01 13.06
N ALA D 90 1.59 -43.15 12.56
CA ALA D 90 2.20 -42.08 11.78
C ALA D 90 1.47 -41.81 10.48
N ARG D 91 1.02 -42.87 9.81
CA ARG D 91 0.30 -42.69 8.56
C ARG D 91 -1.15 -42.29 8.82
N LEU D 92 -1.72 -42.67 9.96
CA LEU D 92 -3.04 -42.18 10.34
C LEU D 92 -3.00 -40.68 10.64
N LYS D 93 -2.17 -40.30 11.60
CA LYS D 93 -2.23 -38.93 12.08
C LYS D 93 -1.62 -37.95 11.10
N CYS D 94 -0.75 -38.39 10.19
CA CYS D 94 -0.22 -37.48 9.19
C CYS D 94 -0.98 -37.53 7.87
N SER D 95 -1.86 -38.50 7.66
CA SER D 95 -2.58 -38.59 6.39
C SER D 95 -3.40 -37.34 6.07
N PRO D 96 -4.11 -36.70 6.99
CA PRO D 96 -4.90 -35.52 6.58
C PRO D 96 -4.08 -34.44 5.90
N ILE D 97 -2.93 -34.06 6.47
CA ILE D 97 -2.11 -33.04 5.85
C ILE D 97 -1.49 -33.54 4.54
N MET D 98 -1.16 -34.83 4.47
CA MET D 98 -0.63 -35.39 3.23
C MET D 98 -1.73 -35.47 2.19
N GLU D 99 -2.96 -35.77 2.63
CA GLU D 99 -4.11 -35.62 1.73
C GLU D 99 -4.13 -34.24 1.08
N GLN D 100 -3.93 -33.19 1.88
CA GLN D 100 -3.98 -31.84 1.36
C GLN D 100 -2.96 -31.60 0.26
N PHE D 101 -1.69 -31.88 0.53
CA PHE D 101 -0.59 -31.55 -0.36
C PHE D 101 -0.14 -32.71 -1.24
N ASN D 102 -0.95 -33.77 -1.35
CA ASN D 102 -0.71 -34.83 -2.34
C ASN D 102 0.59 -35.59 -2.09
N PHE D 103 1.06 -35.62 -0.84
CA PHE D 103 2.24 -36.41 -0.48
C PHE D 103 1.81 -37.83 -0.20
N LYS D 104 2.27 -38.77 -1.01
CA LYS D 104 1.86 -40.17 -0.84
C LYS D 104 2.97 -41.08 -0.36
N TRP D 105 2.56 -41.94 0.56
CA TRP D 105 3.31 -43.03 1.15
C TRP D 105 3.78 -43.94 0.02
N PRO D 106 5.09 -43.95 -0.26
CA PRO D 106 5.61 -44.80 -1.32
C PRO D 106 5.41 -46.27 -0.98
N ASP D 107 5.25 -47.09 -2.03
CA ASP D 107 5.07 -48.52 -1.82
C ASP D 107 6.25 -49.15 -1.10
N SER D 108 7.46 -48.65 -1.34
CA SER D 108 8.62 -49.04 -0.54
C SER D 108 8.33 -48.90 0.95
N LEU D 109 7.52 -47.90 1.31
CA LEU D 109 7.20 -47.60 2.69
C LEU D 109 5.90 -48.24 3.14
N ASP D 110 5.41 -49.26 2.41
CA ASP D 110 4.14 -49.90 2.72
C ASP D 110 4.09 -50.24 4.20
N CYS D 111 3.08 -49.72 4.89
CA CYS D 111 3.07 -49.70 6.34
C CYS D 111 2.91 -51.12 6.93
N ARG D 112 2.28 -52.05 6.19
CA ARG D 112 2.06 -53.44 6.63
C ARG D 112 3.24 -54.38 6.31
N LYS D 113 4.31 -53.88 5.66
CA LYS D 113 5.52 -54.68 5.51
C LYS D 113 6.28 -54.80 6.82
N LEU D 114 6.07 -53.87 7.74
CA LEU D 114 6.82 -53.85 8.98
C LEU D 114 6.32 -54.93 9.94
N PRO D 115 7.22 -55.60 10.64
CA PRO D 115 6.80 -56.62 11.62
C PRO D 115 6.21 -55.99 12.87
N ASN D 116 5.19 -56.64 13.43
CA ASN D 116 4.55 -56.19 14.66
C ASN D 116 5.48 -56.36 15.87
N LYS D 117 5.10 -55.69 16.96
CA LYS D 117 5.81 -55.77 18.23
C LYS D 117 5.61 -57.12 18.92
N ASN D 118 6.70 -57.62 19.53
CA ASN D 118 6.77 -58.92 20.22
C ASN D 118 6.63 -60.10 19.24
N ASP D 119 7.40 -60.04 18.16
CA ASP D 119 7.47 -61.27 17.39
C ASP D 119 8.68 -62.07 17.85
N PRO D 120 8.61 -63.41 17.95
CA PRO D 120 9.76 -64.16 18.49
C PRO D 120 11.03 -64.04 17.65
N ASN D 121 10.92 -63.86 16.34
CA ASN D 121 12.08 -63.82 15.46
C ASN D 121 12.28 -62.47 14.78
N TYR D 122 11.31 -61.57 14.86
CA TYR D 122 11.48 -60.20 14.34
C TYR D 122 11.30 -59.30 15.55
N LEU D 123 12.29 -58.47 15.82
CA LEU D 123 12.26 -57.58 16.97
C LEU D 123 11.93 -56.15 16.56
N CYS D 124 11.60 -55.36 17.58
CA CYS D 124 11.12 -54.00 17.47
C CYS D 124 12.03 -53.04 18.22
N MET D 125 11.78 -51.75 17.98
CA MET D 125 12.36 -50.64 18.73
C MET D 125 11.22 -49.79 19.26
N GLU D 126 11.45 -49.09 20.35
CA GLU D 126 10.47 -48.16 20.87
C GLU D 126 10.96 -46.72 20.72
N ALA D 127 10.04 -45.79 20.92
CA ALA D 127 10.61 -44.46 20.71
C ALA D 127 10.88 -43.79 22.04
N PRO D 128 12.00 -43.07 22.18
CA PRO D 128 12.34 -42.33 23.40
C PRO D 128 11.28 -41.27 23.77
N GLN E 6 3.36 -4.96 3.17
CA GLN E 6 2.94 -3.94 4.13
C GLN E 6 4.15 -3.29 4.83
N SER E 7 3.99 -2.04 5.26
CA SER E 7 5.04 -1.37 5.99
C SER E 7 5.18 -1.92 7.41
N PRO E 8 6.38 -1.82 7.99
CA PRO E 8 6.59 -2.38 9.33
C PRO E 8 5.97 -1.51 10.40
N SER E 9 5.46 -2.17 11.44
CA SER E 9 4.98 -1.47 12.60
C SER E 9 6.17 -0.82 13.33
N SER E 10 5.90 0.31 13.98
CA SER E 10 6.96 1.02 14.68
C SER E 10 6.77 0.89 16.18
N LEU E 11 7.89 0.76 16.89
CA LEU E 11 7.92 0.59 18.33
C LEU E 11 9.08 1.42 18.88
N SER E 12 8.76 2.34 19.78
CA SER E 12 9.76 3.20 20.40
C SER E 12 10.11 2.64 21.77
N ALA E 13 11.41 2.45 21.99
CA ALA E 13 11.87 1.87 23.25
C ALA E 13 13.23 2.44 23.59
N SER E 14 13.54 2.45 24.89
CA SER E 14 14.80 2.96 25.39
C SER E 14 15.77 1.82 25.62
N VAL E 15 17.07 2.18 25.64
CA VAL E 15 18.08 1.21 26.05
C VAL E 15 17.71 0.66 27.42
N GLY E 16 17.78 -0.66 27.55
CA GLY E 16 17.43 -1.34 28.78
C GLY E 16 15.98 -1.70 28.93
N ASP E 17 15.11 -1.30 27.99
CA ASP E 17 13.72 -1.71 28.06
C ASP E 17 13.56 -3.19 27.70
N ARG E 18 12.52 -3.79 28.25
CA ARG E 18 12.15 -5.15 27.95
C ARG E 18 11.00 -5.14 26.93
N VAL E 19 11.19 -5.84 25.82
CA VAL E 19 10.23 -5.84 24.74
C VAL E 19 9.86 -7.28 24.39
N THR E 20 8.57 -7.53 24.18
CA THR E 20 8.07 -8.80 23.69
C THR E 20 7.26 -8.53 22.41
N ILE E 21 7.75 -9.07 21.30
CA ILE E 21 7.08 -8.96 20.01
C ILE E 21 6.23 -10.20 19.79
N THR E 22 5.00 -10.01 19.34
CA THR E 22 4.07 -11.10 19.14
C THR E 22 3.88 -11.40 17.66
N CYS E 23 3.85 -12.68 17.32
CA CYS E 23 3.65 -13.13 15.94
C CYS E 23 2.40 -14.01 15.94
N ARG E 24 1.29 -13.42 15.52
CA ARG E 24 0.01 -14.11 15.58
C ARG E 24 -0.08 -15.10 14.43
N ALA E 25 -0.49 -16.34 14.74
CA ALA E 25 -0.58 -17.39 13.72
C ALA E 25 -1.91 -18.13 13.77
N SER E 26 -1.82 -19.45 13.56
CA SER E 26 -2.95 -20.42 13.51
C SER E 26 -2.49 -21.75 14.09
N GLN E 27 -3.29 -22.37 14.94
CA GLN E 27 -2.94 -23.68 15.55
C GLN E 27 -2.52 -24.68 14.45
N SER E 28 -2.99 -24.46 13.23
CA SER E 28 -2.67 -25.28 12.09
C SER E 28 -1.28 -24.99 11.60
N VAL E 29 -0.53 -24.19 12.36
CA VAL E 29 0.85 -23.85 12.05
C VAL E 29 1.76 -24.63 12.99
N SER E 30 2.84 -25.15 12.43
CA SER E 30 3.82 -25.89 13.22
C SER E 30 4.64 -24.92 14.07
N SER E 31 5.43 -25.49 14.97
CA SER E 31 6.32 -24.68 15.78
C SER E 31 7.65 -24.43 15.07
N ALA E 32 7.72 -24.71 13.76
CA ALA E 32 8.93 -24.43 13.00
C ALA E 32 8.98 -22.96 12.58
N VAL E 33 8.71 -22.06 13.53
CA VAL E 33 8.66 -20.62 13.27
C VAL E 33 10.05 -20.04 13.53
N ALA E 34 10.54 -19.23 12.59
CA ALA E 34 11.83 -18.56 12.73
C ALA E 34 11.64 -17.06 12.92
N TRP E 35 12.59 -16.44 13.62
CA TRP E 35 12.63 -14.99 13.81
C TRP E 35 13.87 -14.42 13.16
N TYR E 36 13.70 -13.28 12.47
CA TYR E 36 14.78 -12.62 11.75
C TYR E 36 14.96 -11.17 12.21
N GLN E 37 16.19 -10.70 12.13
CA GLN E 37 16.55 -9.31 12.44
C GLN E 37 17.13 -8.67 11.20
N GLN E 38 16.62 -7.49 10.83
CA GLN E 38 17.10 -6.78 9.65
C GLN E 38 17.38 -5.32 9.98
N LYS E 39 18.55 -4.85 9.57
CA LYS E 39 18.94 -3.46 9.70
C LYS E 39 18.97 -2.80 8.33
N PRO E 40 18.88 -1.47 8.27
CA PRO E 40 18.70 -0.79 6.98
C PRO E 40 19.78 -1.15 5.97
N GLY E 41 19.34 -1.52 4.77
CA GLY E 41 20.24 -1.83 3.69
C GLY E 41 20.95 -3.15 3.78
N LYS E 42 20.55 -4.04 4.69
CA LYS E 42 21.22 -5.31 4.86
C LYS E 42 20.23 -6.46 4.73
N ALA E 43 20.76 -7.66 4.57
CA ALA E 43 19.88 -8.81 4.46
C ALA E 43 19.38 -9.24 5.85
N PRO E 44 18.22 -9.89 5.93
CA PRO E 44 17.76 -10.40 7.22
C PRO E 44 18.77 -11.38 7.80
N LYS E 45 18.79 -11.44 9.13
CA LYS E 45 19.67 -12.31 9.91
C LYS E 45 18.81 -13.20 10.79
N LEU E 46 19.12 -14.49 10.83
CA LEU E 46 18.36 -15.43 11.65
C LEU E 46 18.73 -15.27 13.12
N LEU E 47 17.72 -15.14 13.97
CA LEU E 47 17.92 -15.04 15.41
C LEU E 47 17.46 -16.28 16.16
N ILE E 48 16.24 -16.73 15.89
CA ILE E 48 15.60 -17.80 16.64
C ILE E 48 14.96 -18.75 15.64
N TYR E 49 15.17 -20.05 15.83
CA TYR E 49 14.53 -21.06 15.01
C TYR E 49 13.78 -22.05 15.89
N SER E 50 12.81 -22.73 15.28
CA SER E 50 11.97 -23.69 16.00
C SER E 50 11.34 -23.04 17.23
N ALA E 51 10.89 -21.80 17.05
CA ALA E 51 10.14 -21.03 18.04
C ALA E 51 10.97 -20.60 19.26
N SER E 52 11.95 -21.40 19.68
CA SER E 52 12.62 -21.12 20.95
C SER E 52 14.14 -21.22 20.92
N SER E 53 14.75 -21.72 19.86
CA SER E 53 16.19 -21.96 19.87
C SER E 53 16.95 -20.77 19.31
N LEU E 54 17.93 -20.30 20.07
CA LEU E 54 18.75 -19.18 19.62
C LEU E 54 19.73 -19.65 18.55
N TYR E 55 19.79 -18.91 17.44
CA TYR E 55 20.75 -19.21 16.39
C TYR E 55 22.15 -18.82 16.85
N SER E 56 23.13 -19.22 16.04
CA SER E 56 24.53 -19.03 16.38
C SER E 56 24.86 -17.56 16.56
N GLY E 57 25.56 -17.25 17.66
CA GLY E 57 26.00 -15.90 17.94
C GLY E 57 24.96 -14.95 18.47
N VAL E 58 23.75 -15.41 18.78
CA VAL E 58 22.72 -14.51 19.28
C VAL E 58 22.85 -14.40 20.80
N PRO E 59 22.86 -13.19 21.35
CA PRO E 59 23.06 -13.03 22.79
C PRO E 59 21.91 -13.56 23.63
N SER E 60 22.23 -13.94 24.88
CA SER E 60 21.26 -14.59 25.76
C SER E 60 20.08 -13.70 26.13
N ARG E 61 20.19 -12.38 25.94
CA ARG E 61 19.04 -11.52 26.21
C ARG E 61 17.91 -11.74 25.21
N PHE E 62 18.15 -12.50 24.14
CA PHE E 62 17.11 -12.89 23.21
C PHE E 62 16.46 -14.20 23.64
N SER E 63 15.17 -14.30 23.37
CA SER E 63 14.37 -15.41 23.87
C SER E 63 13.15 -15.57 22.99
N GLY E 64 12.73 -16.80 22.79
CA GLY E 64 11.55 -17.08 21.99
C GLY E 64 10.68 -18.12 22.68
N SER E 65 9.37 -18.00 22.46
CA SER E 65 8.46 -18.92 23.12
C SER E 65 7.15 -19.01 22.34
N ARG E 66 6.49 -20.16 22.44
CA ARG E 66 5.18 -20.35 21.85
C ARG E 66 4.16 -20.52 22.97
N SER E 67 2.99 -19.91 22.79
CA SER E 67 1.90 -19.98 23.75
C SER E 67 0.61 -20.06 22.95
N GLY E 68 0.05 -21.26 22.85
CA GLY E 68 -1.14 -21.46 22.03
C GLY E 68 -0.81 -21.21 20.57
N THR E 69 -1.61 -20.38 19.94
CA THR E 69 -1.42 -20.04 18.53
C THR E 69 -0.42 -18.90 18.31
N ASP E 70 0.09 -18.31 19.38
CA ASP E 70 0.89 -17.09 19.29
C ASP E 70 2.36 -17.41 19.58
N PHE E 71 3.25 -16.88 18.76
CA PHE E 71 4.68 -16.95 19.01
C PHE E 71 5.19 -15.57 19.43
N THR E 72 6.14 -15.55 20.36
CA THR E 72 6.70 -14.29 20.87
C THR E 72 8.22 -14.32 20.85
N LEU E 73 8.79 -13.14 20.61
CA LEU E 73 10.23 -12.91 20.77
C LEU E 73 10.42 -11.87 21.85
N THR E 74 11.29 -12.14 22.81
CA THR E 74 11.54 -11.22 23.90
C THR E 74 13.01 -10.84 23.95
N ILE E 75 13.27 -9.54 24.06
CA ILE E 75 14.60 -9.01 24.35
C ILE E 75 14.54 -8.46 25.77
N SER E 76 15.32 -9.06 26.67
CA SER E 76 15.13 -8.77 28.09
C SER E 76 15.60 -7.37 28.46
N SER E 77 16.68 -6.90 27.84
CA SER E 77 17.20 -5.56 28.13
C SER E 77 17.79 -5.00 26.84
N LEU E 78 17.09 -4.04 26.23
CA LEU E 78 17.47 -3.55 24.91
C LEU E 78 18.82 -2.86 24.93
N GLN E 79 19.70 -3.26 24.01
CA GLN E 79 21.00 -2.68 23.79
C GLN E 79 21.05 -2.00 22.42
N PRO E 80 21.97 -1.05 22.20
CA PRO E 80 21.93 -0.29 20.95
C PRO E 80 22.05 -1.13 19.70
N GLU E 81 22.81 -2.23 19.74
CA GLU E 81 22.87 -3.09 18.56
C GLU E 81 21.58 -3.83 18.29
N ASP E 82 20.61 -3.82 19.23
CA ASP E 82 19.38 -4.58 19.06
C ASP E 82 18.32 -3.84 18.26
N PHE E 83 18.50 -2.55 18.04
CA PHE E 83 17.50 -1.74 17.33
C PHE E 83 17.58 -2.04 15.83
N ALA E 84 16.50 -2.60 15.32
CA ALA E 84 16.39 -3.10 13.95
C ALA E 84 14.92 -3.46 13.73
N THR E 85 14.64 -4.14 12.62
CA THR E 85 13.31 -4.65 12.33
C THR E 85 13.30 -6.16 12.49
N TYR E 86 12.20 -6.68 13.05
CA TYR E 86 12.09 -8.08 13.40
C TYR E 86 10.92 -8.70 12.65
N TYR E 87 11.15 -9.91 12.12
CA TYR E 87 10.15 -10.64 11.36
C TYR E 87 10.06 -12.07 11.90
N CYS E 88 8.83 -12.57 12.04
CA CYS E 88 8.62 -14.00 12.23
C CYS E 88 8.23 -14.64 10.90
N GLN E 89 8.62 -15.89 10.71
CA GLN E 89 8.25 -16.64 9.51
C GLN E 89 7.69 -18.00 9.92
N GLN E 90 6.57 -18.39 9.32
CA GLN E 90 5.98 -19.67 9.63
C GLN E 90 6.65 -20.79 8.83
N GLY E 91 6.43 -22.03 9.24
CA GLY E 91 7.10 -23.12 8.51
C GLY E 91 6.29 -23.66 7.36
N TRP E 92 6.65 -24.84 6.88
CA TRP E 92 5.92 -25.50 5.78
C TRP E 92 4.52 -25.83 6.29
N PRO E 93 3.44 -25.66 5.52
CA PRO E 93 3.52 -25.24 4.12
C PRO E 93 3.17 -23.80 3.77
N PHE E 94 3.20 -22.90 4.72
CA PHE E 94 2.83 -21.49 4.45
C PHE E 94 4.06 -20.63 4.14
N PHE E 95 5.10 -20.73 4.97
CA PHE E 95 6.35 -19.98 4.85
C PHE E 95 6.16 -18.46 4.94
N THR E 96 5.07 -18.01 5.56
CA THR E 96 4.68 -16.60 5.47
C THR E 96 5.40 -15.75 6.50
N PHE E 97 5.84 -14.56 6.08
CA PHE E 97 6.41 -13.57 6.97
C PHE E 97 5.30 -12.69 7.52
N GLY E 98 5.42 -12.35 8.80
CA GLY E 98 4.48 -11.43 9.39
C GLY E 98 4.86 -10.00 9.11
N GLN E 99 4.04 -9.09 9.62
CA GLN E 99 4.38 -7.68 9.56
C GLN E 99 5.59 -7.44 10.44
N GLY E 100 6.56 -6.70 9.91
CA GLY E 100 7.75 -6.41 10.68
C GLY E 100 7.48 -5.44 11.82
N THR E 101 8.30 -5.57 12.85
CA THR E 101 8.30 -4.66 13.99
C THR E 101 9.64 -3.95 13.98
N LYS E 102 9.64 -2.66 13.65
CA LYS E 102 10.87 -1.89 13.65
C LYS E 102 11.01 -1.21 15.01
N VAL E 103 12.00 -1.65 15.77
CA VAL E 103 12.30 -1.14 17.10
C VAL E 103 13.35 -0.05 16.95
N GLU E 104 12.88 1.18 17.16
CA GLU E 104 13.56 2.50 17.04
C GLU E 104 13.95 3.00 18.43
N ILE E 105 15.03 3.80 18.57
CA ILE E 105 15.47 4.25 19.89
C ILE E 105 14.66 5.46 20.39
N LYS E 106 14.16 5.39 21.62
CA LYS E 106 13.48 6.52 22.25
C LYS E 106 14.52 7.45 22.88
N ARG E 107 14.42 8.74 22.62
CA ARG E 107 15.38 9.72 23.10
C ARG E 107 14.60 10.99 23.41
N THR E 108 15.26 11.94 24.06
CA THR E 108 14.61 13.21 24.34
C THR E 108 14.36 14.01 23.06
N VAL E 109 13.39 14.91 23.13
CA VAL E 109 13.02 15.72 21.99
C VAL E 109 14.19 16.61 21.57
N ALA E 110 14.40 16.74 20.25
CA ALA E 110 15.46 17.58 19.69
C ALA E 110 14.91 18.35 18.50
N ALA E 111 15.02 19.68 18.55
CA ALA E 111 14.47 20.50 17.49
C ALA E 111 15.31 20.40 16.21
N PRO E 112 14.69 20.51 15.05
CA PRO E 112 15.45 20.50 13.81
C PRO E 112 16.10 21.84 13.53
N SER E 113 17.24 21.78 12.84
CA SER E 113 17.79 22.92 12.13
C SER E 113 17.18 22.96 10.73
N VAL E 114 16.71 24.15 10.33
CA VAL E 114 15.98 24.32 9.09
C VAL E 114 16.79 25.19 8.14
N PHE E 115 16.87 24.76 6.88
CA PHE E 115 17.55 25.50 5.82
C PHE E 115 16.68 25.45 4.57
N ILE E 116 16.79 26.50 3.74
CA ILE E 116 16.09 26.53 2.47
C ILE E 116 17.10 26.76 1.36
N PHE E 117 16.83 26.16 0.20
CA PHE E 117 17.75 26.23 -0.93
C PHE E 117 16.96 26.65 -2.17
N PRO E 118 17.19 27.85 -2.69
CA PRO E 118 16.52 28.27 -3.92
C PRO E 118 17.00 27.42 -5.09
N PRO E 119 16.31 27.48 -6.23
CA PRO E 119 16.77 26.74 -7.40
C PRO E 119 18.10 27.28 -7.91
N SER E 120 18.94 26.36 -8.38
CA SER E 120 20.16 26.76 -9.04
C SER E 120 19.86 27.42 -10.39
N ASP E 121 20.80 28.25 -10.84
CA ASP E 121 20.70 28.81 -12.18
C ASP E 121 20.84 27.72 -13.22
N SER E 122 21.63 26.69 -12.92
CA SER E 122 21.78 25.55 -13.83
C SER E 122 20.44 24.91 -14.15
N GLN E 123 19.60 24.70 -13.14
CA GLN E 123 18.33 24.00 -13.36
C GLN E 123 17.29 24.88 -14.03
N LEU E 124 17.32 26.19 -13.78
CA LEU E 124 16.29 27.07 -14.34
C LEU E 124 16.42 27.20 -15.85
N LYS E 125 17.64 27.18 -16.39
CA LYS E 125 17.78 27.14 -17.84
C LYS E 125 17.25 25.83 -18.40
N SER E 126 17.13 24.81 -17.56
CA SER E 126 16.59 23.52 -18.04
C SER E 126 15.07 23.62 -18.10
N GLY E 127 14.49 24.61 -17.42
CA GLY E 127 13.07 24.87 -17.52
C GLY E 127 12.25 24.59 -16.27
N THR E 128 12.84 24.05 -15.21
CA THR E 128 12.11 23.76 -13.99
C THR E 128 12.78 24.45 -12.81
N ALA E 129 12.04 24.59 -11.73
CA ALA E 129 12.57 25.16 -10.50
C ALA E 129 12.27 24.23 -9.33
N SER E 130 13.31 23.85 -8.58
CA SER E 130 13.16 23.02 -7.41
C SER E 130 13.67 23.78 -6.19
N VAL E 131 12.83 23.89 -5.17
CA VAL E 131 13.20 24.49 -3.89
C VAL E 131 13.27 23.38 -2.86
N VAL E 132 14.32 23.38 -2.05
CA VAL E 132 14.61 22.30 -1.11
C VAL E 132 14.63 22.87 0.30
N CYS E 133 13.87 22.24 1.19
CA CYS E 133 13.82 22.57 2.61
C CYS E 133 14.46 21.40 3.35
N LEU E 134 15.52 21.68 4.12
CA LEU E 134 16.24 20.66 4.86
C LEU E 134 15.95 20.79 6.35
N LEU E 135 15.54 19.68 6.96
CA LEU E 135 15.34 19.57 8.40
C LEU E 135 16.41 18.63 8.94
N ASN E 136 17.30 19.16 9.78
CA ASN E 136 18.51 18.46 10.21
C ASN E 136 18.41 18.04 11.67
N ASN E 137 18.69 16.75 11.92
CA ASN E 137 18.95 16.18 13.24
C ASN E 137 17.85 16.57 14.26
N PHE E 138 16.67 15.97 14.06
CA PHE E 138 15.55 16.19 14.96
C PHE E 138 15.00 14.86 15.47
N TYR E 139 14.27 14.94 16.58
CA TYR E 139 13.59 13.82 17.19
C TYR E 139 12.43 14.40 17.97
N PRO E 140 11.23 13.80 17.88
CA PRO E 140 10.96 12.56 17.14
C PRO E 140 10.72 12.75 15.65
N ARG E 141 10.43 11.63 14.98
CA ARG E 141 10.29 11.60 13.53
C ARG E 141 9.17 12.53 13.06
N GLU E 142 8.12 12.66 13.85
CA GLU E 142 6.94 13.39 13.39
C GLU E 142 7.28 14.85 13.24
N ALA E 143 7.33 15.31 11.99
CA ALA E 143 7.54 16.71 11.65
C ALA E 143 6.68 17.01 10.44
N LYS E 144 6.19 18.24 10.37
CA LYS E 144 5.41 18.69 9.23
C LYS E 144 6.10 19.84 8.51
N VAL E 145 6.29 19.68 7.21
CA VAL E 145 6.87 20.68 6.34
C VAL E 145 5.77 21.19 5.42
N GLN E 146 5.50 22.49 5.50
CA GLN E 146 4.42 23.13 4.77
C GLN E 146 5.02 24.17 3.84
N TRP E 147 4.76 24.04 2.55
CA TRP E 147 5.22 25.02 1.57
C TRP E 147 4.20 26.14 1.41
N LYS E 148 4.69 27.38 1.39
CA LYS E 148 3.86 28.54 1.07
C LYS E 148 4.50 29.32 -0.07
N VAL E 149 3.73 29.54 -1.13
CA VAL E 149 4.14 30.38 -2.25
C VAL E 149 3.23 31.60 -2.24
N ASP E 150 3.81 32.76 -1.94
CA ASP E 150 3.06 34.01 -1.75
C ASP E 150 1.92 33.80 -0.76
N ASN E 151 2.23 33.13 0.35
CA ASN E 151 1.28 32.86 1.44
C ASN E 151 0.10 31.99 1.00
N ALA E 152 0.26 31.22 -0.07
CA ALA E 152 -0.72 30.21 -0.45
C ALA E 152 -0.16 28.83 -0.08
N LEU E 153 -0.87 28.12 0.80
CA LEU E 153 -0.45 26.78 1.22
C LEU E 153 -0.50 25.82 0.04
N GLN E 154 0.57 25.05 -0.12
CA GLN E 154 0.75 24.18 -1.28
C GLN E 154 0.48 22.73 -0.91
N SER E 155 0.08 21.95 -1.91
CA SER E 155 -0.03 20.51 -1.81
C SER E 155 -0.04 19.94 -3.21
N GLY E 156 0.54 18.75 -3.36
CA GLY E 156 0.61 18.06 -4.63
C GLY E 156 1.77 18.44 -5.52
N ASN E 157 2.66 19.31 -5.07
CA ASN E 157 3.82 19.69 -5.88
C ASN E 157 5.14 19.51 -5.12
N SER E 158 5.15 18.63 -4.12
CA SER E 158 6.28 18.48 -3.23
C SER E 158 6.38 17.02 -2.79
N GLN E 159 7.60 16.60 -2.44
CA GLN E 159 7.83 15.24 -1.96
C GLN E 159 8.88 15.28 -0.85
N GLU E 160 8.71 14.39 0.12
CA GLU E 160 9.50 14.32 1.34
C GLU E 160 10.32 13.05 1.38
N SER E 161 11.41 13.10 2.14
CA SER E 161 12.26 11.95 2.34
C SER E 161 12.87 12.07 3.73
N VAL E 162 12.95 10.94 4.45
CA VAL E 162 13.47 10.91 5.81
C VAL E 162 14.62 9.91 5.89
N THR E 163 15.72 10.31 6.53
CA THR E 163 16.81 9.38 6.78
C THR E 163 16.43 8.37 7.86
N GLU E 164 17.18 7.27 7.91
CA GLU E 164 17.08 6.36 9.03
C GLU E 164 17.57 7.05 10.29
N GLN E 165 17.23 6.46 11.44
CA GLN E 165 17.73 7.00 12.70
C GLN E 165 19.27 7.01 12.69
N ASP E 166 19.84 8.18 12.96
CA ASP E 166 21.29 8.31 12.95
C ASP E 166 21.92 7.41 14.00
N SER E 167 23.01 6.74 13.63
CA SER E 167 23.58 5.75 14.53
C SER E 167 24.21 6.37 15.77
N LYS E 168 24.54 7.66 15.76
CA LYS E 168 25.26 8.23 16.90
C LYS E 168 24.41 9.11 17.80
N ASP E 169 23.42 9.82 17.29
CA ASP E 169 22.57 10.62 18.17
C ASP E 169 21.08 10.29 18.06
N SER E 170 20.72 9.25 17.31
CA SER E 170 19.35 8.73 17.25
C SER E 170 18.35 9.75 16.73
N THR E 171 18.79 10.74 15.97
CA THR E 171 17.87 11.72 15.40
C THR E 171 17.53 11.33 13.97
N TYR E 172 16.58 12.06 13.39
CA TYR E 172 16.18 11.91 12.00
C TYR E 172 16.50 13.18 11.23
N SER E 173 16.62 13.05 9.91
CA SER E 173 16.72 14.20 9.04
C SER E 173 15.72 14.05 7.91
N LEU E 174 15.20 15.18 7.45
CA LEU E 174 14.17 15.18 6.43
C LEU E 174 14.55 16.14 5.32
N SER E 175 14.24 15.77 4.09
CA SER E 175 14.39 16.66 2.94
C SER E 175 13.05 16.77 2.23
N SER E 176 12.65 18.00 1.92
CA SER E 176 11.45 18.27 1.13
C SER E 176 11.81 19.08 -0.11
N THR E 177 11.37 18.61 -1.26
CA THR E 177 11.66 19.27 -2.53
C THR E 177 10.35 19.72 -3.15
N LEU E 178 10.18 21.03 -3.29
CA LEU E 178 9.07 21.63 -4.02
C LEU E 178 9.51 21.92 -5.44
N THR E 179 8.75 21.43 -6.42
CA THR E 179 9.14 21.53 -7.83
C THR E 179 8.09 22.31 -8.59
N LEU E 180 8.53 23.34 -9.30
CA LEU E 180 7.67 24.15 -10.16
C LEU E 180 8.29 24.24 -11.55
N SER E 181 7.45 24.55 -12.53
CA SER E 181 7.98 24.99 -13.81
C SER E 181 8.62 26.37 -13.64
N LYS E 182 9.65 26.64 -14.45
CA LYS E 182 10.29 27.96 -14.42
C LYS E 182 9.26 29.05 -14.70
N ALA E 183 8.31 28.77 -15.59
CA ALA E 183 7.22 29.72 -15.85
C ALA E 183 6.46 30.03 -14.58
N ASP E 184 5.97 28.99 -13.89
CA ASP E 184 5.21 29.21 -12.67
C ASP E 184 6.08 29.81 -11.57
N TYR E 185 7.35 29.37 -11.50
CA TYR E 185 8.25 29.88 -10.47
C TYR E 185 8.41 31.39 -10.54
N GLU E 186 8.44 31.94 -11.76
CA GLU E 186 8.65 33.38 -11.93
C GLU E 186 7.38 34.20 -11.78
N LYS E 187 6.24 33.57 -11.50
CA LYS E 187 4.99 34.29 -11.26
C LYS E 187 4.80 34.67 -9.80
N HIS E 188 5.73 34.29 -8.92
CA HIS E 188 5.54 34.50 -7.49
C HIS E 188 6.85 34.99 -6.88
N LYS E 189 6.72 35.62 -5.71
CA LYS E 189 7.86 36.26 -5.07
C LYS E 189 8.38 35.47 -3.86
N VAL E 190 7.52 35.15 -2.90
CA VAL E 190 7.96 34.64 -1.60
C VAL E 190 7.78 33.13 -1.57
N TYR E 191 8.89 32.42 -1.29
CA TYR E 191 8.91 30.98 -1.18
C TYR E 191 9.35 30.61 0.24
N ALA E 192 8.51 29.87 0.95
CA ALA E 192 8.76 29.54 2.34
C ALA E 192 8.34 28.12 2.62
N CYS E 193 9.13 27.43 3.46
CA CYS E 193 8.68 26.20 4.09
C CYS E 193 8.47 26.46 5.57
N GLU E 194 7.31 26.03 6.07
CA GLU E 194 6.95 26.21 7.48
C GLU E 194 7.11 24.87 8.19
N VAL E 195 7.96 24.83 9.19
CA VAL E 195 8.28 23.60 9.90
C VAL E 195 7.64 23.66 11.27
N THR E 196 6.75 22.72 11.57
CA THR E 196 6.17 22.60 12.90
C THR E 196 6.62 21.28 13.50
N HIS E 197 7.18 21.35 14.70
CA HIS E 197 7.77 20.19 15.34
C HIS E 197 7.67 20.33 16.85
N GLN E 198 7.53 19.19 17.52
CA GLN E 198 7.37 19.17 18.98
C GLN E 198 8.45 19.98 19.68
N GLY E 199 9.68 19.95 19.17
CA GLY E 199 10.78 20.70 19.74
C GLY E 199 10.84 22.17 19.37
N LEU E 200 9.84 22.67 18.66
CA LEU E 200 9.77 24.09 18.30
C LEU E 200 8.56 24.69 19.00
N SER E 201 8.78 25.77 19.76
CA SER E 201 7.68 26.37 20.52
C SER E 201 6.57 26.84 19.60
N SER E 202 6.93 27.38 18.45
CA SER E 202 6.00 27.81 17.42
C SER E 202 6.61 27.44 16.09
N PRO E 203 5.82 27.39 15.02
CA PRO E 203 6.36 26.99 13.71
C PRO E 203 7.52 27.88 13.28
N VAL E 204 8.51 27.26 12.65
CA VAL E 204 9.69 27.96 12.16
C VAL E 204 9.58 28.05 10.64
N THR E 205 9.80 29.24 10.10
CA THR E 205 9.67 29.49 8.67
C THR E 205 10.99 29.99 8.11
N LYS E 206 11.53 29.25 7.14
CA LYS E 206 12.65 29.73 6.34
C LYS E 206 12.09 30.15 4.98
N SER E 207 12.41 31.36 4.56
CA SER E 207 11.80 31.92 3.36
C SER E 207 12.84 32.68 2.57
N PHE E 208 12.55 32.90 1.29
CA PHE E 208 13.37 33.79 0.47
C PHE E 208 12.50 34.43 -0.61
N ASN E 209 13.01 35.52 -1.17
CA ASN E 209 12.36 36.23 -2.26
C ASN E 209 13.09 35.91 -3.56
N ARG E 210 12.33 35.52 -4.58
CA ARG E 210 12.91 35.23 -5.89
C ARG E 210 13.63 36.45 -6.45
N GLY E 211 14.95 36.32 -6.62
CA GLY E 211 15.75 37.40 -7.17
C GLY E 211 16.74 38.01 -6.18
N GLU F 1 31.47 -21.40 5.47
CA GLU F 1 31.74 -20.48 4.37
C GLU F 1 30.57 -20.58 3.39
N VAL F 2 29.35 -20.75 3.92
CA VAL F 2 28.18 -20.75 3.06
C VAL F 2 27.95 -19.34 2.54
N GLN F 3 27.61 -19.24 1.26
CA GLN F 3 27.41 -17.94 0.61
C GLN F 3 26.43 -18.08 -0.53
N LEU F 4 25.56 -17.10 -0.68
CA LEU F 4 24.66 -17.03 -1.83
C LEU F 4 24.79 -15.67 -2.49
N VAL F 5 24.86 -15.69 -3.82
CA VAL F 5 25.01 -14.50 -4.64
C VAL F 5 23.86 -14.47 -5.63
N GLU F 6 23.04 -13.42 -5.56
CA GLU F 6 21.94 -13.24 -6.49
C GLU F 6 22.40 -12.39 -7.67
N SER F 7 21.84 -12.66 -8.83
CA SER F 7 22.10 -11.85 -10.01
C SER F 7 20.91 -11.95 -10.95
N GLY F 8 20.98 -11.18 -12.04
CA GLY F 8 19.93 -11.14 -13.04
C GLY F 8 18.97 -10.00 -12.89
N GLY F 9 19.13 -9.17 -11.86
CA GLY F 9 18.28 -8.03 -11.64
C GLY F 9 18.50 -6.94 -12.68
N GLY F 10 17.69 -5.91 -12.59
CA GLY F 10 17.78 -4.77 -13.47
C GLY F 10 16.39 -4.30 -13.84
N LEU F 11 16.32 -3.56 -14.94
CA LEU F 11 15.08 -2.96 -15.39
C LEU F 11 14.37 -3.86 -16.39
N VAL F 12 13.04 -3.89 -16.31
CA VAL F 12 12.22 -4.65 -17.24
C VAL F 12 10.91 -3.90 -17.43
N GLN F 13 10.34 -4.06 -18.56
CA GLN F 13 9.12 -3.31 -18.83
C GLN F 13 7.90 -4.10 -18.36
N PRO F 14 6.81 -3.43 -18.01
CA PRO F 14 5.61 -4.15 -17.57
C PRO F 14 5.19 -5.17 -18.62
N GLY F 15 4.90 -6.38 -18.16
CA GLY F 15 4.62 -7.49 -19.04
C GLY F 15 5.83 -8.25 -19.51
N GLY F 16 7.03 -7.75 -19.22
CA GLY F 16 8.27 -8.40 -19.64
C GLY F 16 8.67 -9.54 -18.73
N SER F 17 9.86 -10.07 -18.99
CA SER F 17 10.35 -11.26 -18.32
C SER F 17 11.77 -11.05 -17.83
N LEU F 18 12.08 -11.70 -16.70
CA LEU F 18 13.40 -11.68 -16.09
C LEU F 18 13.67 -13.04 -15.44
N ARG F 19 14.92 -13.45 -15.43
CA ARG F 19 15.33 -14.65 -14.72
C ARG F 19 16.43 -14.32 -13.74
N LEU F 20 16.16 -14.51 -12.46
CA LEU F 20 17.14 -14.30 -11.41
C LEU F 20 17.90 -15.59 -11.14
N SER F 21 19.16 -15.44 -10.75
CA SER F 21 20.02 -16.55 -10.37
C SER F 21 20.38 -16.46 -8.89
N CYS F 22 20.48 -17.62 -8.25
CA CYS F 22 20.93 -17.74 -6.87
C CYS F 22 22.08 -18.73 -6.88
N ALA F 23 23.31 -18.21 -6.89
CA ALA F 23 24.50 -19.05 -6.98
C ALA F 23 24.98 -19.42 -5.58
N ALA F 24 25.00 -20.71 -5.28
CA ALA F 24 25.34 -21.18 -3.94
C ALA F 24 26.82 -21.59 -3.90
N SER F 25 27.47 -21.26 -2.78
CA SER F 25 28.83 -21.73 -2.50
C SER F 25 28.90 -22.18 -1.06
N GLY F 26 29.55 -23.33 -0.83
CA GLY F 26 29.70 -23.90 0.49
C GLY F 26 28.78 -25.06 0.80
N PHE F 27 27.84 -25.37 -0.09
CA PHE F 27 26.90 -26.48 0.09
C PHE F 27 26.32 -26.85 -1.26
N PRO F 28 25.92 -28.09 -1.47
CA PRO F 28 25.35 -28.48 -2.77
C PRO F 28 23.90 -28.05 -2.89
N ILE F 29 23.55 -27.54 -4.07
CA ILE F 29 22.16 -27.16 -4.35
C ILE F 29 21.25 -28.38 -4.24
N ARG F 30 21.77 -29.51 -4.67
CA ARG F 30 21.01 -30.77 -4.69
C ARG F 30 20.67 -31.23 -3.26
N GLY F 31 19.37 -31.41 -3.02
CA GLY F 31 18.87 -31.89 -1.73
C GLY F 31 18.80 -30.76 -0.74
N SER F 32 18.80 -29.54 -1.24
CA SER F 32 18.77 -28.39 -0.38
C SER F 32 17.54 -27.58 -0.71
N SER F 33 17.03 -26.89 0.30
CA SER F 33 15.82 -26.09 0.18
C SER F 33 16.22 -24.63 -0.01
N ILE F 34 15.78 -24.03 -1.12
CA ILE F 34 16.07 -22.64 -1.45
C ILE F 34 14.77 -21.85 -1.46
N HIS F 35 14.77 -20.68 -0.82
CA HIS F 35 13.62 -19.79 -0.80
C HIS F 35 13.96 -18.48 -1.47
N TRP F 36 12.93 -17.85 -2.06
CA TRP F 36 13.00 -16.50 -2.59
C TRP F 36 12.08 -15.58 -1.79
N VAL F 37 12.60 -14.43 -1.36
CA VAL F 37 11.88 -13.47 -0.55
C VAL F 37 12.11 -12.08 -1.15
N ARG F 38 11.02 -11.35 -1.37
CA ARG F 38 11.20 -10.00 -1.94
C ARG F 38 10.86 -8.95 -0.88
N GLN F 39 11.41 -7.76 -1.03
CA GLN F 39 11.20 -6.62 -0.15
C GLN F 39 11.04 -5.39 -1.05
N ALA F 40 9.80 -4.94 -1.22
CA ALA F 40 9.57 -3.68 -1.90
C ALA F 40 10.11 -2.53 -1.07
N PRO F 41 10.56 -1.45 -1.70
CA PRO F 41 11.27 -0.40 -0.95
C PRO F 41 10.41 0.16 0.18
N GLY F 42 10.96 0.13 1.39
CA GLY F 42 10.27 0.59 2.58
C GLY F 42 9.22 -0.34 3.13
N LYS F 43 9.03 -1.53 2.55
CA LYS F 43 8.00 -2.44 3.02
C LYS F 43 8.63 -3.68 3.65
N GLY F 44 7.77 -4.63 4.04
CA GLY F 44 8.20 -5.81 4.73
C GLY F 44 8.63 -6.93 3.80
N LEU F 45 9.10 -8.01 4.43
CA LEU F 45 9.50 -9.21 3.69
C LEU F 45 8.29 -9.96 3.17
N GLU F 46 8.41 -10.53 1.98
CA GLU F 46 7.35 -11.37 1.41
C GLU F 46 7.99 -12.63 0.84
N TRP F 47 7.65 -13.78 1.43
CA TRP F 47 8.05 -15.05 0.84
C TRP F 47 7.34 -15.23 -0.50
N VAL F 48 8.06 -15.79 -1.47
CA VAL F 48 7.54 -15.82 -2.84
C VAL F 48 7.51 -17.22 -3.42
N ALA F 49 8.59 -17.96 -3.29
CA ALA F 49 8.65 -19.29 -3.88
C ALA F 49 9.69 -20.10 -3.11
N ALA F 50 9.60 -21.42 -3.22
CA ALA F 50 10.55 -22.24 -2.50
C ALA F 50 10.66 -23.59 -3.15
N THR F 51 11.87 -24.14 -3.12
CA THR F 51 12.08 -25.54 -3.42
C THR F 51 12.40 -26.27 -2.12
N TYR F 52 11.88 -27.49 -2.00
CA TYR F 52 12.25 -28.38 -0.93
C TYR F 52 13.23 -29.46 -1.42
N GLY F 53 13.73 -29.31 -2.65
CA GLY F 53 14.82 -30.13 -3.14
C GLY F 53 14.53 -30.86 -4.44
N TRP F 54 13.42 -31.60 -4.46
CA TRP F 54 13.04 -32.39 -5.60
C TRP F 54 12.00 -31.65 -6.43
N PRO F 55 11.79 -32.06 -7.70
CA PRO F 55 10.89 -31.27 -8.57
C PRO F 55 9.47 -31.09 -8.06
N GLY F 56 8.88 -32.08 -7.40
CA GLY F 56 7.48 -32.01 -6.97
C GLY F 56 7.15 -31.19 -5.75
N SER F 57 8.14 -30.57 -5.10
CA SER F 57 7.95 -29.80 -3.88
C SER F 57 8.03 -28.30 -4.09
N ILE F 58 7.97 -27.84 -5.33
CA ILE F 58 8.03 -26.41 -5.62
C ILE F 58 6.71 -25.74 -5.22
N THR F 59 6.79 -24.77 -4.32
CA THR F 59 5.63 -24.06 -3.79
C THR F 59 5.75 -22.59 -4.18
N TYR F 60 4.61 -21.94 -4.41
CA TYR F 60 4.60 -20.52 -4.71
C TYR F 60 3.59 -19.78 -3.83
N ALA F 61 3.83 -18.48 -3.69
CA ALA F 61 2.85 -17.59 -3.07
C ALA F 61 1.77 -17.23 -4.09
N ASP F 62 0.59 -16.88 -3.57
CA ASP F 62 -0.54 -16.57 -4.45
C ASP F 62 -0.26 -15.34 -5.30
N SER F 63 0.52 -14.39 -4.77
CA SER F 63 0.82 -13.15 -5.47
C SER F 63 1.64 -13.37 -6.74
N VAL F 64 2.24 -14.54 -6.93
CA VAL F 64 3.14 -14.77 -8.06
C VAL F 64 2.80 -16.09 -8.74
N LYS F 65 1.86 -16.84 -8.18
CA LYS F 65 1.55 -18.16 -8.70
C LYS F 65 1.10 -18.07 -10.16
N GLY F 66 1.63 -18.96 -10.99
CA GLY F 66 1.38 -18.95 -12.41
C GLY F 66 2.42 -18.19 -13.21
N ARG F 67 2.99 -17.12 -12.64
CA ARG F 67 3.90 -16.25 -13.36
C ARG F 67 5.37 -16.53 -13.06
N PHE F 68 5.70 -17.01 -11.87
CA PHE F 68 7.09 -17.26 -11.52
C PHE F 68 7.34 -18.76 -11.55
N THR F 69 8.56 -19.13 -11.95
CA THR F 69 8.92 -20.54 -12.11
C THR F 69 10.33 -20.74 -11.59
N ILE F 70 10.49 -21.71 -10.69
CA ILE F 70 11.79 -22.05 -10.15
C ILE F 70 12.37 -23.19 -10.96
N SER F 71 13.67 -23.13 -11.20
CA SER F 71 14.43 -24.24 -11.77
C SER F 71 15.79 -24.22 -11.09
N ALA F 72 16.65 -25.17 -11.47
CA ALA F 72 17.99 -25.20 -10.90
C ALA F 72 18.94 -25.88 -11.87
N ASP F 73 20.23 -25.77 -11.56
CA ASP F 73 21.28 -26.41 -12.36
C ASP F 73 22.40 -26.78 -11.41
N THR F 74 22.45 -28.06 -11.03
CA THR F 74 23.41 -28.50 -10.04
C THR F 74 24.83 -28.45 -10.58
N SER F 75 24.99 -28.52 -11.90
CA SER F 75 26.32 -28.38 -12.48
C SER F 75 26.92 -27.03 -12.12
N LYS F 76 26.17 -25.94 -12.36
CA LYS F 76 26.61 -24.64 -11.88
C LYS F 76 26.27 -24.40 -10.41
N ASN F 77 25.60 -25.35 -9.75
CA ASN F 77 25.20 -25.22 -8.36
C ASN F 77 24.44 -23.90 -8.15
N THR F 78 23.49 -23.64 -9.05
CA THR F 78 22.75 -22.39 -9.08
C THR F 78 21.25 -22.63 -9.24
N ALA F 79 20.46 -21.90 -8.46
CA ALA F 79 19.01 -21.91 -8.57
C ALA F 79 18.54 -20.72 -9.38
N TYR F 80 17.32 -20.82 -9.91
CA TYR F 80 16.82 -19.81 -10.82
C TYR F 80 15.38 -19.45 -10.46
N LEU F 81 15.04 -18.19 -10.69
CA LEU F 81 13.67 -17.73 -10.51
C LEU F 81 13.25 -17.05 -11.81
N GLN F 82 12.50 -17.79 -12.63
CA GLN F 82 12.00 -17.23 -13.88
C GLN F 82 10.74 -16.43 -13.57
N MET F 83 10.76 -15.14 -13.86
CA MET F 83 9.63 -14.26 -13.60
C MET F 83 9.08 -13.79 -14.94
N ASN F 84 7.79 -14.04 -15.17
CA ASN F 84 7.12 -13.67 -16.41
C ASN F 84 5.96 -12.71 -16.11
N SER F 85 5.55 -11.98 -17.15
CA SER F 85 4.45 -11.02 -17.09
C SER F 85 4.55 -10.15 -15.84
N LEU F 86 5.69 -9.50 -15.70
CA LEU F 86 5.97 -8.73 -14.49
C LEU F 86 5.14 -7.46 -14.44
N ARG F 87 4.65 -7.12 -13.25
CA ARG F 87 3.95 -5.86 -13.01
C ARG F 87 4.76 -4.97 -12.09
N ALA F 88 4.42 -3.68 -12.09
CA ALA F 88 5.17 -2.71 -11.30
C ALA F 88 5.13 -3.02 -9.80
N GLU F 89 4.08 -3.70 -9.34
CA GLU F 89 4.05 -4.15 -7.95
C GLU F 89 5.23 -5.06 -7.63
N ASP F 90 5.74 -5.81 -8.61
CA ASP F 90 6.83 -6.74 -8.38
C ASP F 90 8.19 -6.06 -8.21
N THR F 91 8.25 -4.74 -8.33
CA THR F 91 9.48 -4.01 -8.05
C THR F 91 9.92 -4.23 -6.60
N ALA F 92 11.10 -4.79 -6.42
CA ALA F 92 11.59 -5.11 -5.08
C ALA F 92 13.03 -5.60 -5.19
N VAL F 93 13.69 -5.64 -4.03
CA VAL F 93 14.94 -6.38 -3.90
C VAL F 93 14.59 -7.86 -3.68
N TYR F 94 15.23 -8.74 -4.44
CA TYR F 94 14.91 -10.15 -4.39
C TYR F 94 16.03 -10.91 -3.70
N TYR F 95 15.70 -11.54 -2.57
CA TYR F 95 16.65 -12.34 -1.82
C TYR F 95 16.42 -13.82 -2.10
N CYS F 96 17.50 -14.58 -2.17
CA CYS F 96 17.41 -16.03 -2.07
C CYS F 96 18.09 -16.46 -0.78
N ALA F 97 17.61 -17.56 -0.21
CA ALA F 97 18.13 -17.98 1.09
C ALA F 97 18.07 -19.49 1.20
N ARG F 98 19.03 -20.05 1.93
CA ARG F 98 19.08 -21.48 2.17
C ARG F 98 18.24 -21.79 3.40
N ARG F 99 17.34 -22.76 3.27
CA ARG F 99 16.56 -23.23 4.42
C ARG F 99 17.23 -24.48 4.97
N HIS F 100 17.97 -24.31 6.05
CA HIS F 100 18.47 -25.44 6.81
C HIS F 100 17.31 -26.30 7.28
N THR F 101 17.41 -27.61 7.05
CA THR F 101 16.36 -28.50 7.54
C THR F 101 16.58 -28.83 9.00
N TYR F 102 16.27 -30.06 9.41
CA TYR F 102 16.38 -30.44 10.81
C TYR F 102 17.79 -30.12 11.32
N PRO F 103 17.92 -29.53 12.51
CA PRO F 103 16.80 -29.15 13.38
C PRO F 103 16.39 -27.68 13.31
N LEU F 104 16.88 -26.96 12.30
CA LEU F 104 16.65 -25.51 12.23
C LEU F 104 15.29 -25.20 11.60
N TRP F 105 15.03 -25.71 10.40
CA TRP F 105 13.85 -25.33 9.63
C TRP F 105 13.77 -23.81 9.48
N ALA F 106 14.88 -23.21 9.08
CA ALA F 106 14.98 -21.76 9.06
C ALA F 106 15.96 -21.34 7.97
N LEU F 107 15.83 -20.09 7.54
CA LEU F 107 16.74 -19.50 6.57
C LEU F 107 17.97 -18.98 7.30
N ASP F 108 19.03 -19.78 7.33
CA ASP F 108 20.24 -19.41 8.05
C ASP F 108 21.22 -18.57 7.22
N TYR F 109 21.14 -18.62 5.90
CA TYR F 109 22.04 -17.89 5.02
C TYR F 109 21.24 -17.19 3.92
N TRP F 110 21.50 -15.90 3.72
CA TRP F 110 20.85 -15.11 2.69
C TRP F 110 21.88 -14.51 1.75
N GLY F 111 21.47 -14.27 0.52
CA GLY F 111 22.24 -13.47 -0.41
C GLY F 111 22.11 -11.99 -0.11
N GLN F 112 22.83 -11.19 -0.91
CA GLN F 112 22.79 -9.75 -0.74
C GLN F 112 21.57 -9.11 -1.38
N GLY F 113 20.78 -9.87 -2.11
CA GLY F 113 19.62 -9.31 -2.81
C GLY F 113 20.00 -8.71 -4.14
N THR F 114 19.03 -8.66 -5.05
CA THR F 114 19.22 -8.00 -6.33
C THR F 114 17.96 -7.22 -6.66
N LEU F 115 18.13 -6.01 -7.16
CA LEU F 115 17.02 -5.08 -7.35
C LEU F 115 16.36 -5.29 -8.71
N VAL F 116 15.04 -5.49 -8.69
CA VAL F 116 14.21 -5.65 -9.88
C VAL F 116 13.27 -4.47 -9.95
N THR F 117 13.32 -3.72 -11.07
CA THR F 117 12.45 -2.58 -11.29
C THR F 117 11.59 -2.83 -12.53
N VAL F 118 10.27 -2.86 -12.33
CA VAL F 118 9.32 -3.02 -13.42
C VAL F 118 8.69 -1.65 -13.69
N SER F 119 8.97 -1.09 -14.86
CA SER F 119 8.50 0.25 -15.15
C SER F 119 8.52 0.50 -16.65
N SER F 120 7.74 1.50 -17.07
CA SER F 120 7.75 1.96 -18.46
C SER F 120 8.82 3.00 -18.73
N ALA F 121 9.42 3.58 -17.68
CA ALA F 121 10.51 4.52 -17.85
C ALA F 121 11.73 3.83 -18.46
N SER F 122 12.59 4.62 -19.08
CA SER F 122 13.80 4.09 -19.68
C SER F 122 15.02 4.71 -18.99
N THR F 123 16.13 3.99 -19.06
CA THR F 123 17.35 4.41 -18.37
C THR F 123 17.75 5.82 -18.75
N LYS F 124 17.95 6.65 -17.74
CA LYS F 124 18.32 8.06 -17.92
C LYS F 124 19.25 8.47 -16.79
N GLY F 125 20.29 9.20 -17.13
CA GLY F 125 21.21 9.73 -16.16
C GLY F 125 20.61 10.90 -15.40
N PRO F 126 21.10 11.15 -14.19
CA PRO F 126 20.58 12.27 -13.41
C PRO F 126 21.22 13.59 -13.81
N SER F 127 20.47 14.66 -13.57
CA SER F 127 21.03 15.99 -13.55
C SER F 127 21.38 16.35 -12.11
N VAL F 128 22.55 16.93 -11.93
CA VAL F 128 23.06 17.26 -10.59
C VAL F 128 23.07 18.77 -10.44
N PHE F 129 22.29 19.27 -9.53
CA PHE F 129 22.20 20.69 -9.29
C PHE F 129 22.75 21.04 -7.92
N PRO F 130 23.34 22.21 -7.75
CA PRO F 130 23.89 22.58 -6.44
C PRO F 130 22.84 23.13 -5.50
N LEU F 131 22.97 22.77 -4.23
CA LEU F 131 22.25 23.44 -3.15
C LEU F 131 23.26 24.35 -2.46
N ALA F 132 23.25 25.62 -2.86
CA ALA F 132 24.30 26.56 -2.50
C ALA F 132 24.15 27.02 -1.05
N PRO F 133 25.26 27.08 -0.31
CA PRO F 133 25.18 27.59 1.06
C PRO F 133 24.80 29.06 1.08
N SER F 134 24.02 29.43 2.07
CA SER F 134 23.54 30.81 2.22
C SER F 134 23.06 31.08 3.64
N GLY F 140 31.25 32.10 13.46
CA GLY F 140 31.78 30.76 13.63
C GLY F 140 30.66 29.75 13.77
N GLY F 141 29.79 29.70 12.77
CA GLY F 141 28.64 28.81 12.78
C GLY F 141 28.78 27.73 11.74
N THR F 142 27.68 27.03 11.51
CA THR F 142 27.67 25.95 10.52
C THR F 142 26.72 26.34 9.38
N ALA F 143 27.15 26.05 8.16
CA ALA F 143 26.36 26.23 6.97
C ALA F 143 26.02 24.87 6.37
N ALA F 144 24.87 24.79 5.70
CA ALA F 144 24.43 23.58 5.03
C ALA F 144 24.53 23.76 3.53
N LEU F 145 25.01 22.73 2.84
CA LEU F 145 25.10 22.71 1.39
C LEU F 145 24.88 21.30 0.91
N GLY F 146 24.61 21.16 -0.39
CA GLY F 146 24.38 19.83 -0.90
C GLY F 146 24.19 19.80 -2.40
N CYS F 147 23.71 18.66 -2.88
CA CYS F 147 23.46 18.39 -4.28
C CYS F 147 22.11 17.72 -4.45
N LEU F 148 21.36 18.18 -5.44
CA LEU F 148 20.09 17.57 -5.82
C LEU F 148 20.33 16.69 -7.05
N VAL F 149 20.09 15.39 -6.90
CA VAL F 149 20.33 14.42 -7.96
C VAL F 149 18.96 14.05 -8.53
N LYS F 150 18.60 14.71 -9.63
CA LYS F 150 17.22 14.78 -10.10
C LYS F 150 17.03 14.08 -11.44
N ASP F 151 15.90 13.39 -11.58
CA ASP F 151 15.43 12.81 -12.84
C ASP F 151 16.40 11.75 -13.36
N TYR F 152 16.66 10.74 -12.54
CA TYR F 152 17.38 9.56 -13.01
C TYR F 152 16.48 8.33 -12.93
N PHE F 153 16.93 7.28 -13.59
CA PHE F 153 16.21 6.02 -13.62
C PHE F 153 17.09 4.94 -14.22
N PRO F 154 17.09 3.72 -13.66
CA PRO F 154 16.39 3.40 -12.42
C PRO F 154 17.28 3.64 -11.21
N GLU F 155 16.85 3.14 -10.05
CA GLU F 155 17.74 3.09 -8.91
C GLU F 155 18.91 2.15 -9.20
N PRO F 156 20.05 2.32 -8.51
CA PRO F 156 20.40 3.32 -7.50
C PRO F 156 21.42 4.33 -7.98
N VAL F 157 21.70 5.35 -7.16
CA VAL F 157 22.85 6.23 -7.34
C VAL F 157 23.64 6.25 -6.04
N THR F 158 24.91 6.57 -6.16
CA THR F 158 25.77 6.76 -5.00
C THR F 158 26.30 8.19 -5.02
N VAL F 159 26.43 8.79 -3.85
CA VAL F 159 26.89 10.16 -3.70
C VAL F 159 28.01 10.17 -2.69
N SER F 160 29.14 10.80 -3.06
CA SER F 160 30.21 11.06 -2.13
C SER F 160 30.59 12.54 -2.21
N TRP F 161 31.40 12.98 -1.26
CA TRP F 161 31.80 14.38 -1.17
C TRP F 161 33.32 14.46 -1.10
N ASN F 162 33.90 15.30 -1.95
CA ASN F 162 35.35 15.46 -2.04
C ASN F 162 36.02 14.10 -2.20
N SER F 163 35.43 13.27 -3.06
CA SER F 163 35.94 11.92 -3.36
C SER F 163 36.12 11.08 -2.10
N GLY F 164 35.23 11.28 -1.13
CA GLY F 164 35.25 10.52 0.10
C GLY F 164 35.97 11.19 1.26
N ALA F 165 36.61 12.34 1.05
CA ALA F 165 37.30 13.00 2.15
C ALA F 165 36.37 13.70 3.12
N LEU F 166 35.11 13.92 2.74
CA LEU F 166 34.13 14.59 3.58
C LEU F 166 33.06 13.56 3.91
N THR F 167 33.02 13.15 5.19
CA THR F 167 32.17 12.05 5.63
C THR F 167 31.31 12.48 6.80
N SER F 168 31.84 13.36 7.62
CA SER F 168 31.12 13.84 8.79
C SER F 168 30.03 14.79 8.37
N GLY F 169 28.82 14.60 8.92
CA GLY F 169 27.72 15.50 8.65
C GLY F 169 26.99 15.30 7.35
N VAL F 170 27.17 14.16 6.70
CA VAL F 170 26.56 13.93 5.39
C VAL F 170 25.24 13.19 5.57
N HIS F 171 24.18 13.72 4.95
CA HIS F 171 22.90 13.05 4.87
C HIS F 171 22.54 12.89 3.39
N THR F 172 22.64 11.67 2.89
CA THR F 172 22.09 11.34 1.58
C THR F 172 20.72 10.72 1.77
N PHE F 173 19.69 11.37 1.23
CA PHE F 173 18.32 11.01 1.55
C PHE F 173 17.83 9.89 0.65
N PRO F 174 16.85 9.11 1.13
CA PRO F 174 16.23 8.10 0.25
C PRO F 174 15.66 8.77 -0.98
N ALA F 175 15.79 8.09 -2.11
CA ALA F 175 15.27 8.64 -3.35
C ALA F 175 13.74 8.63 -3.31
N VAL F 176 13.14 9.64 -3.93
CA VAL F 176 11.69 9.74 -4.06
C VAL F 176 11.33 9.48 -5.51
N LEU F 177 10.19 8.84 -5.75
CA LEU F 177 9.74 8.52 -7.10
C LEU F 177 8.68 9.55 -7.51
N GLN F 178 9.00 10.33 -8.53
CA GLN F 178 8.12 11.42 -8.94
C GLN F 178 7.05 10.89 -9.89
N SER F 179 5.99 11.70 -10.08
CA SER F 179 4.90 11.29 -10.96
C SER F 179 5.38 11.06 -12.39
N SER F 180 6.49 11.67 -12.79
CA SER F 180 7.07 11.43 -14.10
C SER F 180 7.57 10.00 -14.26
N GLY F 181 7.76 9.27 -13.15
CA GLY F 181 8.40 7.98 -13.21
C GLY F 181 9.90 7.97 -12.97
N LEU F 182 10.52 9.14 -12.81
CA LEU F 182 11.95 9.23 -12.54
C LEU F 182 12.19 9.47 -11.06
N TYR F 183 13.39 9.12 -10.61
CA TYR F 183 13.77 9.27 -9.21
C TYR F 183 14.48 10.58 -8.98
N SER F 184 14.51 10.97 -7.71
CA SER F 184 15.17 12.20 -7.28
C SER F 184 15.57 12.03 -5.82
N LEU F 185 16.78 12.50 -5.50
CA LEU F 185 17.22 12.52 -4.11
C LEU F 185 18.13 13.73 -3.91
N SER F 186 18.37 14.01 -2.64
CA SER F 186 19.22 15.09 -2.19
C SER F 186 20.34 14.48 -1.38
N SER F 187 21.48 15.14 -1.39
CA SER F 187 22.57 14.81 -0.47
C SER F 187 23.03 16.12 0.11
N VAL F 188 23.08 16.21 1.45
CA VAL F 188 23.49 17.44 2.09
C VAL F 188 24.61 17.14 3.06
N VAL F 189 25.32 18.20 3.42
CA VAL F 189 26.38 18.12 4.41
C VAL F 189 26.47 19.47 5.08
N THR F 190 26.63 19.46 6.39
CA THR F 190 26.82 20.68 7.16
C THR F 190 28.32 20.86 7.42
N VAL F 191 28.81 22.06 7.16
CA VAL F 191 30.23 22.37 7.30
C VAL F 191 30.36 23.67 8.07
N PRO F 192 31.55 23.96 8.61
CA PRO F 192 31.76 25.28 9.24
C PRO F 192 31.61 26.38 8.21
N SER F 193 30.82 27.40 8.55
CA SER F 193 30.61 28.52 7.63
C SER F 193 31.90 29.27 7.36
N SER F 194 32.85 29.24 8.31
CA SER F 194 34.13 29.89 8.15
C SER F 194 35.00 29.28 7.05
N SER F 195 34.67 28.09 6.57
CA SER F 195 35.48 27.41 5.58
C SER F 195 34.87 27.48 4.18
N LEU F 196 33.93 28.42 3.95
CA LEU F 196 33.22 28.41 2.67
C LEU F 196 34.05 29.08 1.58
N GLY F 197 34.72 30.18 1.88
CA GLY F 197 35.60 30.81 0.92
C GLY F 197 36.98 30.19 0.82
N THR F 198 37.25 29.16 1.62
CA THR F 198 38.53 28.47 1.70
C THR F 198 38.48 27.05 1.17
N GLN F 199 37.42 26.31 1.46
CA GLN F 199 37.36 24.89 1.18
C GLN F 199 36.46 24.67 -0.04
N THR F 200 36.91 23.82 -0.95
CA THR F 200 36.09 23.43 -2.10
C THR F 200 35.25 22.22 -1.73
N TYR F 201 33.98 22.25 -2.13
CA TYR F 201 33.04 21.17 -1.86
C TYR F 201 32.49 20.65 -3.18
N ILE F 202 32.77 19.39 -3.48
CA ILE F 202 32.34 18.73 -4.71
C ILE F 202 31.57 17.48 -4.32
N CYS F 203 30.39 17.29 -4.90
CA CYS F 203 29.67 16.04 -4.74
C CYS F 203 29.91 15.14 -5.95
N ASN F 204 30.12 13.86 -5.69
CA ASN F 204 30.44 12.89 -6.73
C ASN F 204 29.26 11.92 -6.87
N VAL F 205 28.57 12.00 -8.00
CA VAL F 205 27.39 11.18 -8.26
C VAL F 205 27.75 10.13 -9.30
N ASN F 206 27.39 8.88 -9.02
CA ASN F 206 27.60 7.78 -9.95
C ASN F 206 26.31 7.00 -10.10
N HIS F 207 25.78 6.95 -11.32
CA HIS F 207 24.58 6.19 -11.67
C HIS F 207 25.02 5.08 -12.61
N LYS F 208 25.33 3.91 -12.04
CA LYS F 208 25.86 2.81 -12.83
C LYS F 208 24.95 2.36 -13.98
N PRO F 209 23.62 2.27 -13.84
CA PRO F 209 22.82 1.80 -14.98
C PRO F 209 22.94 2.66 -16.23
N SER F 210 23.25 3.95 -16.11
CA SER F 210 23.33 4.82 -17.26
C SER F 210 24.75 5.25 -17.59
N ASN F 211 25.76 4.69 -16.90
CA ASN F 211 27.17 5.06 -17.12
C ASN F 211 27.35 6.57 -17.03
N THR F 212 26.73 7.16 -16.02
CA THR F 212 26.78 8.60 -15.79
C THR F 212 27.55 8.82 -14.50
N LYS F 213 28.70 9.47 -14.61
CA LYS F 213 29.49 9.88 -13.45
C LYS F 213 29.64 11.39 -13.52
N VAL F 214 29.10 12.09 -12.52
CA VAL F 214 29.09 13.54 -12.50
C VAL F 214 29.74 14.03 -11.21
N ASP F 215 30.60 15.03 -11.34
CA ASP F 215 31.13 15.75 -10.18
C ASP F 215 30.71 17.20 -10.32
N LYS F 216 30.05 17.73 -9.30
CA LYS F 216 29.53 19.09 -9.32
C LYS F 216 30.16 19.86 -8.16
N LYS F 217 30.64 21.05 -8.45
CA LYS F 217 31.18 21.92 -7.41
C LYS F 217 30.06 22.81 -6.88
N VAL F 218 29.99 22.95 -5.56
CA VAL F 218 28.93 23.69 -4.88
C VAL F 218 29.56 24.93 -4.25
N GLU F 219 29.23 26.10 -4.78
CA GLU F 219 29.83 27.35 -4.36
C GLU F 219 28.80 28.27 -3.74
N PRO F 220 29.22 29.20 -2.86
CA PRO F 220 28.30 30.21 -2.34
C PRO F 220 27.76 31.13 -3.42
#